data_9BGG
#
_entry.id   9BGG
#
_cell.length_a   1.00
_cell.length_b   1.00
_cell.length_c   1.00
_cell.angle_alpha   90.00
_cell.angle_beta   90.00
_cell.angle_gamma   90.00
#
_symmetry.space_group_name_H-M   'P 1'
#
loop_
_entity.id
_entity.type
_entity.pdbx_description
1 polymer 'highly active truncation of GlcNAc-1-phosphotransferase, S1S3,N-acetylglucosamine-1-phosphotransferase subunit beta'
2 non-polymer 2-acetamido-2-deoxy-beta-D-glucopyranose
#
_entity_poly.entity_id   1
_entity_poly.type   'polypeptide(L)'
_entity_poly.pdbx_seq_one_letter_code
;DEDQVDPRLIDGKWSRDQYHVLFDSYRDNIAGKSFQNRLCLPMPIDVVYTWVNGTDLELLKELTELKRSKRDPLIPECQG
KQTPEKDKCYRDDISASRFEDNEELRYSLRSIERHAPWVRNIFIVTNGQIPSWLNLDNPRVTIVTHQDVFRNLSHLPTFS
SPAIESHIHRIEGLSQKFIYLNDDVMFGKDVWPDDFYSHSKGQKVYLTWPVPNGGSGGDTFADSLRYVNKILNSKFGFTS
RKVPAHMPHMIDRIVMQELQDMFPEEFDKTSFHKVRHSEDMQFAFSYFYYLMSAVQPLNISQVFDEVDTDQSGVLSDREI
RTLATRIHELPLSLQDLTGLEHMLINCSKMLPADITQLNNIPPTQESYYDPNLPPVTKSLVTNCKPVTDKIHKAYKDKNK
YRFEIMGEEEIAFKMIRTNVSHVVGQLDDIRKNPRKFVCLNDNIDHNHKDAQTVKAVLRDFYESMFPIPSQFELPREYRN
RFLHMHELQEWRAYRDKLK
;
_entity_poly.pdbx_strand_id   A,B
#
# COMPACT_ATOMS: atom_id res chain seq x y z
N TYR A 19 22.26 -19.32 7.15
CA TYR A 19 23.18 -18.36 7.76
C TYR A 19 23.42 -17.18 6.81
N HIS A 20 23.99 -17.47 5.64
CA HIS A 20 24.19 -16.46 4.60
C HIS A 20 23.04 -16.40 3.61
N VAL A 21 22.07 -17.31 3.72
CA VAL A 21 20.94 -17.32 2.79
C VAL A 21 20.11 -16.06 2.95
N LEU A 22 19.97 -15.58 4.19
CA LEU A 22 19.20 -14.35 4.43
C LEU A 22 19.81 -13.17 3.69
N PHE A 23 21.14 -13.02 3.77
CA PHE A 23 21.80 -11.93 3.05
C PHE A 23 21.73 -12.16 1.54
N ASP A 24 21.98 -13.39 1.10
CA ASP A 24 22.04 -13.66 -0.34
C ASP A 24 20.68 -13.46 -1.01
N SER A 25 19.59 -13.75 -0.29
CA SER A 25 18.27 -13.59 -0.89
C SER A 25 18.00 -12.15 -1.27
N TYR A 26 18.36 -11.21 -0.39
CA TYR A 26 18.20 -9.80 -0.71
C TYR A 26 19.32 -9.25 -1.58
N ARG A 27 20.44 -9.97 -1.67
CA ARG A 27 21.50 -9.60 -2.60
C ARG A 27 21.39 -10.31 -3.94
N ASP A 28 20.34 -11.11 -4.14
CA ASP A 28 20.15 -11.84 -5.39
C ASP A 28 19.15 -11.10 -6.25
N ASN A 29 19.64 -10.04 -6.90
CA ASN A 29 18.90 -9.32 -7.93
C ASN A 29 19.87 -8.94 -9.03
N ILE A 30 19.34 -8.35 -10.10
CA ILE A 30 20.18 -8.00 -11.23
C ILE A 30 21.23 -6.96 -10.84
N ALA A 31 20.85 -6.01 -9.97
CA ALA A 31 21.77 -4.96 -9.56
C ALA A 31 22.80 -5.43 -8.54
N GLY A 32 22.53 -6.52 -7.82
CA GLY A 32 23.44 -6.98 -6.80
C GLY A 32 23.36 -6.24 -5.48
N LYS A 33 22.41 -5.32 -5.33
CA LYS A 33 22.28 -4.51 -4.14
C LYS A 33 21.37 -5.19 -3.12
N SER A 34 21.17 -4.53 -1.98
CA SER A 34 20.22 -4.95 -0.97
C SER A 34 19.17 -3.86 -0.82
N PHE A 35 17.90 -4.26 -0.84
CA PHE A 35 16.78 -3.33 -0.79
C PHE A 35 15.93 -3.55 0.46
N GLN A 36 16.58 -3.91 1.57
CA GLN A 36 15.85 -4.10 2.82
C GLN A 36 15.17 -2.81 3.28
N ASN A 37 15.77 -1.66 3.00
CA ASN A 37 15.19 -0.38 3.38
C ASN A 37 13.95 -0.04 2.57
N ARG A 38 13.66 -0.79 1.51
CA ARG A 38 12.53 -0.51 0.63
C ARG A 38 11.52 -1.64 0.56
N LEU A 39 11.81 -2.81 1.14
CA LEU A 39 10.91 -3.95 1.04
C LEU A 39 10.39 -4.49 2.36
N CYS A 40 11.04 -4.18 3.48
CA CYS A 40 10.71 -4.83 4.75
C CYS A 40 10.15 -3.88 5.81
N LEU A 41 9.80 -2.64 5.44
CA LEU A 41 9.22 -1.65 6.34
C LEU A 41 10.19 -1.24 7.45
N PRO A 42 9.96 -0.12 8.14
CA PRO A 42 10.86 0.28 9.22
C PRO A 42 10.58 -0.49 10.50
N MET A 43 11.60 -1.14 11.03
CA MET A 43 11.47 -1.88 12.28
C MET A 43 12.65 -1.58 13.19
N PRO A 44 12.47 -1.66 14.51
CA PRO A 44 11.25 -1.99 15.27
C PRO A 44 10.34 -0.80 15.52
N ILE A 45 9.16 -1.02 16.09
CA ILE A 45 8.21 0.05 16.42
C ILE A 45 7.83 -0.09 17.88
N ASP A 46 7.82 1.04 18.60
CA ASP A 46 7.49 1.09 20.01
C ASP A 46 6.10 1.70 20.22
N VAL A 47 5.58 1.52 21.44
CA VAL A 47 4.26 2.00 21.81
C VAL A 47 4.39 2.85 23.06
N VAL A 48 3.76 4.03 23.03
CA VAL A 48 3.76 4.94 24.17
C VAL A 48 2.32 5.17 24.62
N TYR A 49 2.04 4.86 25.88
CA TYR A 49 0.74 5.07 26.50
C TYR A 49 0.78 6.27 27.43
N THR A 50 -0.33 6.51 28.12
CA THR A 50 -0.37 7.50 29.19
C THR A 50 -1.42 7.06 30.21
N TRP A 51 -1.09 7.21 31.49
CA TRP A 51 -1.93 6.72 32.57
C TRP A 51 -1.93 7.72 33.72
N VAL A 52 -3.13 8.11 34.14
CA VAL A 52 -3.33 8.99 35.28
C VAL A 52 -4.38 8.37 36.19
N ASN A 53 -4.16 8.45 37.50
CA ASN A 53 -5.09 7.92 38.49
C ASN A 53 -5.74 9.08 39.22
N GLY A 54 -7.05 9.22 39.05
CA GLY A 54 -7.77 10.28 39.73
C GLY A 54 -8.32 9.85 41.07
N THR A 55 -7.43 9.58 42.02
CA THR A 55 -7.81 9.14 43.35
C THR A 55 -6.89 9.77 44.39
N ASP A 56 -7.49 10.21 45.49
CA ASP A 56 -6.76 10.66 46.68
C ASP A 56 -5.83 11.84 46.39
N LEU A 57 -4.54 11.53 46.21
CA LEU A 57 -3.53 12.59 46.23
C LEU A 57 -3.63 13.51 45.02
N GLU A 58 -3.89 12.96 43.83
CA GLU A 58 -3.99 13.79 42.64
C GLU A 58 -5.16 14.77 42.74
N LEU A 59 -6.31 14.27 43.20
CA LEU A 59 -7.46 15.15 43.39
C LEU A 59 -7.18 16.19 44.47
N LEU A 60 -6.45 15.80 45.52
CA LEU A 60 -6.08 16.77 46.55
C LEU A 60 -5.20 17.87 45.98
N LYS A 61 -4.23 17.50 45.14
CA LYS A 61 -3.35 18.50 44.54
C LYS A 61 -4.15 19.43 43.63
N GLU A 62 -5.07 18.88 42.83
CA GLU A 62 -5.90 19.73 41.98
C GLU A 62 -6.76 20.68 42.81
N LEU A 63 -7.34 20.18 43.90
CA LEU A 63 -8.19 21.02 44.74
C LEU A 63 -7.39 22.14 45.39
N THR A 64 -6.21 21.83 45.93
CA THR A 64 -5.42 22.88 46.56
C THR A 64 -4.88 23.86 45.54
N GLU A 65 -4.61 23.40 44.31
CA GLU A 65 -4.21 24.31 43.25
C GLU A 65 -5.36 25.24 42.86
N LEU A 66 -6.59 24.73 42.83
CA LEU A 66 -7.74 25.59 42.58
C LEU A 66 -7.90 26.61 43.71
N LYS A 67 -7.72 26.19 44.96
CA LYS A 67 -7.84 27.11 46.08
C LYS A 67 -6.77 28.19 46.01
N ARG A 68 -5.53 27.82 45.70
CA ARG A 68 -4.45 28.79 45.67
C ARG A 68 -4.56 29.72 44.46
N SER A 69 -5.13 29.25 43.36
CA SER A 69 -5.28 30.07 42.17
C SER A 69 -6.75 30.38 41.88
N ASN A 102 -12.77 3.29 33.28
CA ASN A 102 -11.78 2.79 34.23
C ASN A 102 -11.29 1.42 33.78
N GLU A 103 -10.09 1.03 34.21
CA GLU A 103 -9.54 -0.29 33.93
C GLU A 103 -9.41 -0.54 32.44
N GLU A 104 -9.25 0.54 31.67
CA GLU A 104 -9.08 0.41 30.23
C GLU A 104 -7.66 0.05 29.84
N LEU A 105 -6.66 0.41 30.66
CA LEU A 105 -5.28 0.19 30.27
C LEU A 105 -4.96 -1.31 30.14
N ARG A 106 -5.51 -2.13 31.03
CA ARG A 106 -5.28 -3.57 30.93
C ARG A 106 -5.79 -4.11 29.60
N TYR A 107 -7.02 -3.77 29.23
CA TYR A 107 -7.57 -4.28 27.98
C TYR A 107 -6.85 -3.69 26.78
N SER A 108 -6.34 -2.47 26.90
CA SER A 108 -5.53 -1.90 25.82
C SER A 108 -4.25 -2.70 25.61
N LEU A 109 -3.57 -3.06 26.70
CA LEU A 109 -2.37 -3.89 26.57
C LEU A 109 -2.72 -5.29 26.06
N ARG A 110 -3.88 -5.82 26.46
CA ARG A 110 -4.32 -7.11 25.94
C ARG A 110 -4.57 -7.05 24.45
N SER A 111 -5.14 -5.94 23.97
CA SER A 111 -5.29 -5.73 22.53
C SER A 111 -3.94 -5.63 21.85
N ILE A 112 -2.98 -4.97 22.49
CA ILE A 112 -1.62 -4.90 21.95
C ILE A 112 -1.05 -6.30 21.76
N GLU A 113 -1.20 -7.15 22.78
CA GLU A 113 -0.70 -8.51 22.70
C GLU A 113 -1.42 -9.31 21.62
N ARG A 114 -2.73 -9.15 21.51
CA ARG A 114 -3.53 -10.00 20.63
C ARG A 114 -3.46 -9.56 19.17
N HIS A 115 -3.87 -8.32 18.88
CA HIS A 115 -4.05 -7.86 17.52
C HIS A 115 -2.82 -7.19 16.91
N ALA A 116 -1.91 -6.66 17.72
CA ALA A 116 -0.74 -5.94 17.22
C ALA A 116 0.52 -6.52 17.85
N PRO A 117 0.89 -7.75 17.48
CA PRO A 117 2.03 -8.40 18.11
C PRO A 117 3.38 -8.00 17.54
N TRP A 118 3.41 -6.95 16.72
CA TRP A 118 4.63 -6.52 16.05
C TRP A 118 5.28 -5.31 16.69
N VAL A 119 4.79 -4.86 17.84
CA VAL A 119 5.42 -3.76 18.55
C VAL A 119 6.53 -4.29 19.44
N ARG A 120 7.56 -3.49 19.67
CA ARG A 120 8.74 -3.94 20.42
C ARG A 120 8.61 -3.65 21.91
N ASN A 121 8.47 -2.38 22.27
CA ASN A 121 8.45 -1.95 23.66
C ASN A 121 7.20 -1.12 23.93
N ILE A 122 6.79 -1.11 25.20
CA ILE A 122 5.63 -0.35 25.64
C ILE A 122 6.08 0.58 26.77
N PHE A 123 5.86 1.88 26.59
CA PHE A 123 6.21 2.88 27.59
C PHE A 123 4.94 3.57 28.07
N ILE A 124 4.85 3.76 29.39
CA ILE A 124 3.71 4.44 30.01
C ILE A 124 4.25 5.63 30.78
N VAL A 125 3.79 6.83 30.43
CA VAL A 125 4.21 8.06 31.11
C VAL A 125 3.28 8.30 32.30
N THR A 126 3.87 8.53 33.47
CA THR A 126 3.13 8.72 34.69
C THR A 126 3.75 9.85 35.50
N ASN A 127 2.96 10.42 36.40
CA ASN A 127 3.42 11.46 37.31
C ASN A 127 4.19 10.91 38.49
N GLY A 128 4.65 9.67 38.41
CA GLY A 128 5.24 8.97 39.53
C GLY A 128 4.34 7.89 40.11
N GLN A 129 3.19 7.63 39.50
CA GLN A 129 2.28 6.60 39.97
C GLN A 129 2.80 5.24 39.57
N ILE A 130 3.26 4.46 40.54
CA ILE A 130 3.85 3.14 40.30
C ILE A 130 2.77 2.23 39.71
N PRO A 131 3.14 1.25 38.89
CA PRO A 131 2.13 0.38 38.29
C PRO A 131 1.37 -0.41 39.36
N SER A 132 0.07 -0.57 39.12
CA SER A 132 -0.79 -1.30 40.05
C SER A 132 -0.92 -2.78 39.71
N TRP A 133 -0.85 -3.12 38.43
CA TRP A 133 -0.96 -4.51 38.00
C TRP A 133 0.02 -4.90 36.91
N LEU A 134 0.89 -3.99 36.47
CA LEU A 134 1.86 -4.32 35.43
C LEU A 134 2.91 -5.28 35.96
N ASN A 135 3.55 -5.98 35.03
CA ASN A 135 4.59 -6.95 35.32
C ASN A 135 5.93 -6.36 34.90
N LEU A 136 6.81 -6.13 35.88
CA LEU A 136 8.12 -5.56 35.60
C LEU A 136 9.21 -6.62 35.38
N ASP A 137 8.92 -7.89 35.65
CA ASP A 137 9.92 -8.93 35.40
C ASP A 137 10.20 -9.09 33.92
N ASN A 138 9.19 -8.90 33.07
CA ASN A 138 9.40 -8.93 31.64
C ASN A 138 10.02 -7.60 31.21
N PRO A 139 11.19 -7.62 30.58
CA PRO A 139 11.90 -6.36 30.27
C PRO A 139 11.36 -5.61 29.05
N ARG A 140 10.20 -5.99 28.52
CA ARG A 140 9.65 -5.34 27.33
C ARG A 140 8.66 -4.23 27.66
N VAL A 141 8.46 -3.92 28.94
CA VAL A 141 7.62 -2.80 29.36
C VAL A 141 8.31 -2.07 30.50
N THR A 142 8.39 -0.75 30.40
CA THR A 142 8.99 0.08 31.43
C THR A 142 8.14 1.33 31.64
N ILE A 143 8.28 1.93 32.81
CA ILE A 143 7.55 3.14 33.17
C ILE A 143 8.55 4.29 33.16
N VAL A 144 8.23 5.34 32.41
CA VAL A 144 9.08 6.53 32.30
C VAL A 144 8.38 7.69 33.01
N THR A 145 9.07 8.27 33.99
CA THR A 145 8.52 9.40 34.72
C THR A 145 8.72 10.68 33.91
N HIS A 146 7.89 11.68 34.22
CA HIS A 146 7.90 12.93 33.46
C HIS A 146 9.21 13.69 33.60
N GLN A 147 10.05 13.34 34.59
CA GLN A 147 11.35 13.99 34.73
C GLN A 147 12.21 13.76 33.49
N ASP A 148 12.05 12.62 32.82
CA ASP A 148 12.83 12.32 31.63
C ASP A 148 12.40 13.19 30.45
N VAL A 149 11.09 13.29 30.22
CA VAL A 149 10.59 13.97 29.02
C VAL A 149 10.76 15.48 29.15
N PHE A 150 10.64 16.03 30.36
CA PHE A 150 10.70 17.48 30.54
C PHE A 150 12.13 17.97 30.47
N ARG A 151 12.35 19.01 29.66
CA ARG A 151 13.68 19.62 29.59
C ARG A 151 13.98 20.39 30.87
N ASN A 152 12.97 21.00 31.47
CA ASN A 152 13.09 21.72 32.73
C ASN A 152 12.32 21.00 33.81
N LEU A 153 12.92 20.87 34.99
CA LEU A 153 12.28 20.18 36.11
C LEU A 153 11.22 21.03 36.81
N SER A 154 11.14 22.32 36.49
CA SER A 154 10.16 23.20 37.13
C SER A 154 8.73 22.94 36.67
N HIS A 155 8.53 22.13 35.62
CA HIS A 155 7.22 21.83 35.10
C HIS A 155 6.73 20.43 35.47
N LEU A 156 7.36 19.77 36.44
CA LEU A 156 7.02 18.40 36.79
C LEU A 156 5.59 18.25 37.33
N PRO A 157 5.00 19.25 38.04
CA PRO A 157 3.57 19.14 38.36
C PRO A 157 2.71 19.43 37.14
N THR A 158 2.73 18.52 36.17
CA THR A 158 2.13 18.78 34.87
C THR A 158 0.64 19.09 34.95
N PHE A 159 -0.17 18.10 35.36
CA PHE A 159 -1.61 18.26 35.51
C PHE A 159 -2.27 18.73 34.21
N SER A 160 -1.69 18.38 33.07
CA SER A 160 -2.24 18.75 31.77
C SER A 160 -1.75 17.77 30.72
N SER A 161 -2.62 17.47 29.76
CA SER A 161 -2.37 16.44 28.76
C SER A 161 -1.49 16.90 27.60
N PRO A 162 -1.72 18.08 26.99
CA PRO A 162 -0.83 18.49 25.87
C PRO A 162 0.62 18.65 26.28
N ALA A 163 0.89 19.10 27.50
CA ALA A 163 2.27 19.23 27.96
C ALA A 163 2.95 17.87 28.01
N ILE A 164 2.21 16.85 28.44
CA ILE A 164 2.75 15.49 28.42
C ILE A 164 2.97 15.02 26.99
N GLU A 165 1.97 15.24 26.13
CA GLU A 165 2.03 14.70 24.77
C GLU A 165 3.11 15.37 23.93
N SER A 166 3.46 16.61 24.24
CA SER A 166 4.41 17.34 23.41
C SER A 166 5.83 16.77 23.49
N HIS A 167 6.19 16.17 24.62
CA HIS A 167 7.57 15.80 24.90
C HIS A 167 7.80 14.30 24.85
N ILE A 168 6.96 13.55 24.13
CA ILE A 168 7.09 12.10 24.10
C ILE A 168 8.36 11.68 23.38
N HIS A 169 8.71 12.37 22.30
CA HIS A 169 9.81 11.94 21.42
C HIS A 169 11.18 12.06 22.06
N ARG A 170 11.29 12.46 23.32
CA ARG A 170 12.57 12.59 23.99
C ARG A 170 12.83 11.46 24.98
N ILE A 171 12.17 10.32 24.81
CA ILE A 171 12.41 9.15 25.64
C ILE A 171 13.59 8.38 25.09
N GLU A 172 14.57 8.09 25.94
CA GLU A 172 15.73 7.33 25.50
C GLU A 172 15.36 5.89 25.22
N GLY A 173 15.98 5.32 24.17
CA GLY A 173 15.70 3.97 23.76
C GLY A 173 14.56 3.82 22.78
N LEU A 174 13.84 4.90 22.49
CA LEU A 174 12.72 4.84 21.56
C LEU A 174 13.21 4.57 20.15
N SER A 175 12.42 3.82 19.39
CA SER A 175 12.75 3.57 17.99
C SER A 175 12.46 4.82 17.17
N GLN A 176 12.76 4.75 15.86
CA GLN A 176 12.57 5.92 15.01
C GLN A 176 11.11 6.35 14.97
N LYS A 177 10.19 5.39 14.90
CA LYS A 177 8.76 5.66 14.90
C LYS A 177 8.11 4.96 16.08
N PHE A 178 7.12 5.62 16.67
CA PHE A 178 6.41 5.08 17.83
C PHE A 178 4.92 5.35 17.69
N ILE A 179 4.13 4.55 18.38
CA ILE A 179 2.67 4.61 18.30
C ILE A 179 2.14 5.12 19.64
N TYR A 180 1.24 6.10 19.57
CA TYR A 180 0.73 6.78 20.75
C TYR A 180 -0.74 6.44 20.98
N LEU A 181 -1.05 5.94 22.17
CA LEU A 181 -2.42 5.59 22.56
C LEU A 181 -2.78 6.31 23.85
N ASN A 182 -4.02 6.80 23.93
CA ASN A 182 -4.46 7.62 25.06
C ASN A 182 -5.37 6.84 26.01
N ASP A 183 -5.12 5.55 26.20
CA ASP A 183 -5.70 4.76 27.28
C ASP A 183 -7.23 4.71 27.20
N ASP A 184 -7.81 5.09 26.06
CA ASP A 184 -9.20 4.80 25.78
C ASP A 184 -9.40 4.20 24.38
N VAL A 185 -8.33 3.79 23.71
CA VAL A 185 -8.41 3.19 22.39
C VAL A 185 -7.67 1.85 22.41
N MET A 186 -7.99 1.02 21.43
CA MET A 186 -7.40 -0.31 21.34
C MET A 186 -7.55 -0.82 19.92
N PHE A 187 -6.97 -1.98 19.66
CA PHE A 187 -7.03 -2.63 18.35
C PHE A 187 -8.04 -3.76 18.40
N GLY A 188 -9.06 -3.68 17.56
CA GLY A 188 -10.08 -4.70 17.46
C GLY A 188 -9.93 -5.64 16.29
N LYS A 189 -8.94 -5.40 15.43
CA LYS A 189 -8.65 -6.28 14.32
C LYS A 189 -7.14 -6.33 14.13
N ASP A 190 -6.68 -7.35 13.41
CA ASP A 190 -5.25 -7.48 13.14
C ASP A 190 -4.74 -6.24 12.42
N VAL A 191 -3.84 -5.51 13.07
CA VAL A 191 -3.29 -4.26 12.57
C VAL A 191 -1.80 -4.47 12.30
N TRP A 192 -1.34 -3.97 11.16
CA TRP A 192 0.03 -4.10 10.71
C TRP A 192 0.59 -2.73 10.38
N PRO A 193 1.92 -2.57 10.39
CA PRO A 193 2.49 -1.23 10.20
C PRO A 193 2.12 -0.59 8.87
N ASP A 194 1.84 -1.39 7.84
CA ASP A 194 1.40 -0.82 6.58
C ASP A 194 0.03 -0.17 6.70
N ASP A 195 -0.72 -0.48 7.76
CA ASP A 195 -1.95 0.26 8.04
C ASP A 195 -1.65 1.69 8.46
N PHE A 196 -0.46 1.95 9.01
CA PHE A 196 -0.04 3.29 9.39
C PHE A 196 0.94 3.93 8.43
N TYR A 197 1.84 3.14 7.82
CA TYR A 197 2.91 3.70 7.01
C TYR A 197 3.29 2.75 5.89
N SER A 198 3.25 3.25 4.66
CA SER A 198 3.74 2.52 3.49
C SER A 198 4.73 3.41 2.76
N HIS A 199 5.85 2.84 2.32
CA HIS A 199 6.94 3.65 1.77
C HIS A 199 6.49 4.42 0.54
N SER A 200 5.78 3.76 -0.37
CA SER A 200 5.46 4.36 -1.65
C SER A 200 4.59 5.59 -1.50
N LYS A 201 3.57 5.52 -0.64
CA LYS A 201 2.65 6.63 -0.44
C LYS A 201 2.86 7.32 0.89
N GLY A 202 4.00 7.08 1.55
CA GLY A 202 4.33 7.78 2.76
C GLY A 202 3.48 7.35 3.94
N GLN A 203 3.60 8.12 5.02
CA GLN A 203 2.80 7.87 6.21
C GLN A 203 1.33 8.10 5.92
N LYS A 204 0.48 7.26 6.50
CA LYS A 204 -0.95 7.28 6.23
C LYS A 204 -1.66 8.15 7.27
N VAL A 205 -2.42 9.12 6.79
CA VAL A 205 -3.09 10.10 7.65
C VAL A 205 -4.59 9.89 7.53
N TYR A 206 -5.24 9.69 8.68
CA TYR A 206 -6.69 9.53 8.74
C TYR A 206 -7.31 10.84 9.21
N LEU A 207 -8.31 11.32 8.47
CA LEU A 207 -8.95 12.59 8.76
C LEU A 207 -10.43 12.38 9.02
N THR A 208 -11.07 13.42 9.54
CA THR A 208 -12.45 13.36 10.01
C THR A 208 -13.10 14.71 9.75
N TRP A 209 -14.18 14.99 10.48
CA TRP A 209 -14.96 16.20 10.29
C TRP A 209 -14.08 17.44 10.30
N PRO A 210 -14.39 18.45 9.50
CA PRO A 210 -13.59 19.69 9.52
C PRO A 210 -13.75 20.43 10.84
N VAL A 211 -12.75 21.26 11.13
CA VAL A 211 -12.75 21.99 12.41
C VAL A 211 -13.94 22.91 12.56
N PRO A 212 -14.26 23.81 11.61
CA PRO A 212 -15.40 24.71 11.82
C PRO A 212 -16.73 23.98 11.95
N ASN A 213 -16.92 22.90 11.19
CA ASN A 213 -18.21 22.21 11.19
C ASN A 213 -18.43 21.43 12.48
N GLY A 214 -17.41 20.71 12.94
CA GLY A 214 -17.55 19.87 14.11
C GLY A 214 -17.40 20.56 15.44
N GLY A 215 -17.06 21.85 15.44
CA GLY A 215 -16.87 22.59 16.68
C GLY A 215 -18.14 23.25 17.17
N SER A 216 -18.04 23.83 18.35
CA SER A 216 -19.16 24.54 18.97
C SER A 216 -18.60 25.62 19.89
N GLY A 217 -19.44 26.63 20.15
CA GLY A 217 -19.02 27.72 21.01
C GLY A 217 -18.92 27.28 22.47
N GLY A 218 -17.94 27.84 23.16
CA GLY A 218 -17.75 27.55 24.56
C GLY A 218 -17.00 26.27 24.87
N ASP A 219 -16.39 25.64 23.87
CA ASP A 219 -15.63 24.41 24.06
C ASP A 219 -14.15 24.74 24.20
N THR A 220 -13.55 24.32 25.30
CA THR A 220 -12.12 24.57 25.51
C THR A 220 -11.28 23.86 24.46
N PHE A 221 -11.64 22.64 24.11
CA PHE A 221 -10.85 21.88 23.14
C PHE A 221 -11.02 22.43 21.72
N ALA A 222 -12.24 22.87 21.37
CA ALA A 222 -12.46 23.41 20.03
C ALA A 222 -11.70 24.72 19.84
N ASP A 223 -11.64 25.55 20.87
CA ASP A 223 -10.92 26.82 20.77
C ASP A 223 -9.43 26.60 20.54
N SER A 224 -8.85 25.59 21.20
CA SER A 224 -7.45 25.27 20.99
C SER A 224 -7.19 24.82 19.55
N LEU A 225 -8.09 24.00 19.01
CA LEU A 225 -7.94 23.57 17.62
C LEU A 225 -8.08 24.73 16.67
N ARG A 226 -9.01 25.65 16.94
CA ARG A 226 -9.14 26.85 16.11
C ARG A 226 -7.88 27.71 16.19
N TYR A 227 -7.27 27.81 17.37
CA TYR A 227 -6.05 28.59 17.51
C TYR A 227 -4.89 27.96 16.75
N VAL A 228 -4.77 26.62 16.81
CA VAL A 228 -3.75 25.94 16.03
C VAL A 228 -4.00 26.13 14.53
N ASN A 229 -5.28 26.08 14.13
CA ASN A 229 -5.64 26.38 12.75
C ASN A 229 -5.20 27.78 12.36
N LYS A 230 -5.42 28.76 13.23
CA LYS A 230 -5.01 30.12 12.95
C LYS A 230 -3.50 30.20 12.77
N ILE A 231 -2.75 29.51 13.65
CA ILE A 231 -1.30 29.53 13.55
C ILE A 231 -0.84 28.97 12.21
N LEU A 232 -1.35 27.80 11.84
CA LEU A 232 -0.87 27.16 10.62
C LEU A 232 -1.35 27.90 9.37
N ASN A 233 -2.55 28.49 9.41
CA ASN A 233 -3.01 29.25 8.25
C ASN A 233 -2.27 30.57 8.11
N SER A 234 -1.80 31.15 9.22
CA SER A 234 -0.98 32.34 9.13
C SER A 234 0.48 32.04 8.80
N LYS A 235 0.91 30.80 9.01
CA LYS A 235 2.29 30.42 8.71
C LYS A 235 2.46 29.84 7.31
N PHE A 236 1.76 28.74 7.00
CA PHE A 236 1.87 28.06 5.72
C PHE A 236 0.84 28.50 4.70
N GLY A 237 -0.06 29.41 5.05
CA GLY A 237 -1.09 29.87 4.14
C GLY A 237 -2.44 29.26 4.44
N PHE A 238 -3.49 29.94 3.96
CA PHE A 238 -4.85 29.51 4.23
C PHE A 238 -5.15 28.19 3.52
N THR A 239 -5.81 27.28 4.23
CA THR A 239 -6.18 25.98 3.70
C THR A 239 -7.35 25.43 4.52
N SER A 240 -8.14 24.57 3.89
CA SER A 240 -9.19 23.85 4.59
C SER A 240 -8.56 22.72 5.42
N ARG A 241 -8.88 22.68 6.71
CA ARG A 241 -8.29 21.71 7.62
C ARG A 241 -9.33 20.72 8.11
N LYS A 242 -8.91 19.47 8.29
CA LYS A 242 -9.76 18.41 8.79
C LYS A 242 -9.14 17.79 10.04
N VAL A 243 -9.96 17.52 11.04
CA VAL A 243 -9.47 16.98 12.32
C VAL A 243 -9.00 15.56 12.11
N PRO A 244 -7.83 15.17 12.64
CA PRO A 244 -7.43 13.77 12.61
C PRO A 244 -8.34 12.92 13.48
N ALA A 245 -8.48 11.65 13.09
CA ALA A 245 -9.31 10.73 13.85
C ALA A 245 -8.68 10.43 15.20
N HIS A 246 -9.52 10.13 16.18
CA HIS A 246 -9.07 9.73 17.50
C HIS A 246 -8.71 8.25 17.44
N MET A 247 -7.41 7.95 17.39
CA MET A 247 -6.95 6.60 17.06
C MET A 247 -5.55 6.44 17.62
N PRO A 248 -5.00 5.21 17.58
CA PRO A 248 -3.59 5.02 17.95
C PRO A 248 -2.64 5.54 16.88
N HIS A 249 -2.32 6.84 16.94
CA HIS A 249 -1.50 7.46 15.91
C HIS A 249 -0.09 6.90 15.89
N MET A 250 0.52 6.96 14.71
CA MET A 250 1.93 6.64 14.53
C MET A 250 2.71 7.93 14.31
N ILE A 251 3.80 8.09 15.06
CA ILE A 251 4.58 9.31 15.06
C ILE A 251 6.03 8.96 14.73
N ASP A 252 6.74 9.92 14.14
CA ASP A 252 8.15 9.79 13.82
C ASP A 252 8.93 10.81 14.65
N ARG A 253 10.08 10.38 15.18
CA ARG A 253 10.88 11.29 15.99
C ARG A 253 11.50 12.40 15.15
N ILE A 254 11.92 12.10 13.92
CA ILE A 254 12.61 13.09 13.11
C ILE A 254 11.67 14.22 12.73
N VAL A 255 10.47 13.88 12.25
CA VAL A 255 9.52 14.91 11.84
C VAL A 255 9.09 15.75 13.03
N MET A 256 8.82 15.11 14.16
CA MET A 256 8.42 15.84 15.34
C MET A 256 9.53 16.74 15.85
N GLN A 257 10.78 16.28 15.80
CA GLN A 257 11.91 17.10 16.22
C GLN A 257 12.11 18.28 15.28
N GLU A 258 11.89 18.07 13.97
CA GLU A 258 11.94 19.19 13.04
C GLU A 258 10.85 20.21 13.36
N LEU A 259 9.66 19.73 13.74
CA LEU A 259 8.60 20.64 14.15
C LEU A 259 8.99 21.40 15.41
N GLN A 260 9.64 20.72 16.36
CA GLN A 260 10.13 21.37 17.57
C GLN A 260 11.10 22.49 17.22
N ASP A 261 12.09 22.19 16.37
CA ASP A 261 13.06 23.21 15.99
C ASP A 261 12.39 24.35 15.23
N MET A 262 11.40 24.04 14.40
CA MET A 262 10.70 25.06 13.65
C MET A 262 9.74 25.87 14.50
N PHE A 263 9.14 25.24 15.51
CA PHE A 263 8.18 25.90 16.41
C PHE A 263 8.59 25.67 17.86
N PRO A 264 9.71 26.25 18.31
CA PRO A 264 10.12 26.05 19.70
C PRO A 264 9.33 26.88 20.70
N GLU A 265 9.09 28.15 20.38
CA GLU A 265 8.50 29.06 21.37
C GLU A 265 7.06 28.69 21.65
N GLU A 266 6.30 28.29 20.63
CA GLU A 266 4.89 27.96 20.83
C GLU A 266 4.73 26.67 21.62
N PHE A 267 5.55 25.67 21.32
CA PHE A 267 5.52 24.43 22.09
C PHE A 267 5.93 24.67 23.54
N ASP A 268 6.95 25.50 23.76
CA ASP A 268 7.34 25.82 25.13
C ASP A 268 6.21 26.55 25.86
N LYS A 269 5.54 27.48 25.18
CA LYS A 269 4.41 28.19 25.79
C LYS A 269 3.28 27.24 26.14
N THR A 270 2.93 26.33 25.24
CA THR A 270 1.82 25.42 25.53
C THR A 270 2.19 24.36 26.56
N SER A 271 3.48 24.05 26.73
CA SER A 271 3.90 23.20 27.83
C SER A 271 4.03 23.97 29.14
N PHE A 272 4.11 25.30 29.08
CA PHE A 272 4.25 26.09 30.30
C PHE A 272 2.99 25.99 31.16
N HIS A 273 1.83 25.85 30.53
CA HIS A 273 0.58 25.81 31.27
C HIS A 273 0.53 24.58 32.19
N LYS A 274 0.03 24.79 33.40
CA LYS A 274 -0.11 23.71 34.38
C LYS A 274 -1.49 23.07 34.35
N VAL A 275 -2.46 23.67 33.66
CA VAL A 275 -3.78 23.09 33.47
C VAL A 275 -4.14 23.24 32.00
N ARG A 276 -5.01 22.36 31.51
CA ARG A 276 -5.49 22.42 30.14
C ARG A 276 -6.04 23.81 29.82
N HIS A 277 -5.44 24.46 28.82
CA HIS A 277 -5.76 25.83 28.48
C HIS A 277 -6.51 25.89 27.15
N SER A 278 -7.13 27.04 26.91
CA SER A 278 -7.96 27.23 25.73
C SER A 278 -7.16 27.33 24.44
N GLU A 279 -5.83 27.41 24.51
CA GLU A 279 -5.02 27.61 23.32
C GLU A 279 -3.82 26.67 23.31
N ASP A 280 -4.01 25.43 23.76
CA ASP A 280 -2.97 24.42 23.68
C ASP A 280 -2.87 23.89 22.25
N MET A 281 -1.76 23.21 21.96
CA MET A 281 -1.52 22.64 20.64
C MET A 281 -1.70 21.13 20.70
N GLN A 282 -2.58 20.61 19.85
CA GLN A 282 -2.86 19.18 19.83
C GLN A 282 -1.63 18.40 19.37
N PHE A 283 -1.52 17.16 19.84
CA PHE A 283 -0.36 16.36 19.51
C PHE A 283 -0.46 15.76 18.11
N ALA A 284 -1.64 15.31 17.70
CA ALA A 284 -1.77 14.61 16.42
C ALA A 284 -1.96 15.59 15.27
N PHE A 285 -2.80 16.62 15.46
CA PHE A 285 -3.11 17.55 14.39
C PHE A 285 -1.86 18.29 13.92
N SER A 286 -1.06 18.78 14.86
CA SER A 286 0.13 19.52 14.49
C SER A 286 1.08 18.65 13.68
N TYR A 287 1.36 17.45 14.17
CA TYR A 287 2.27 16.54 13.48
C TYR A 287 1.76 16.21 12.09
N PHE A 288 0.47 15.86 11.98
CA PHE A 288 -0.06 15.46 10.69
C PHE A 288 -0.06 16.60 9.68
N TYR A 289 -0.48 17.80 10.10
CA TYR A 289 -0.54 18.87 9.12
C TYR A 289 0.84 19.44 8.79
N TYR A 290 1.80 19.34 9.71
CA TYR A 290 3.18 19.65 9.33
C TYR A 290 3.72 18.61 8.36
N LEU A 291 3.34 17.34 8.53
CA LEU A 291 3.70 16.32 7.55
C LEU A 291 3.10 16.64 6.19
N MET A 292 1.84 17.08 6.18
CA MET A 292 1.18 17.42 4.92
C MET A 292 1.85 18.60 4.23
N SER A 293 2.11 19.68 4.97
CA SER A 293 2.51 20.95 4.40
C SER A 293 4.01 21.23 4.54
N ALA A 294 4.83 20.20 4.68
CA ALA A 294 6.27 20.39 4.75
C ALA A 294 6.82 20.62 3.34
N VAL A 295 7.46 21.77 3.13
CA VAL A 295 7.95 22.16 1.82
C VAL A 295 9.43 21.80 1.71
N GLN A 296 9.82 21.37 0.52
CA GLN A 296 11.20 20.97 0.24
C GLN A 296 11.81 21.91 -0.79
N PRO A 297 13.01 22.42 -0.55
CA PRO A 297 13.64 23.31 -1.55
C PRO A 297 13.92 22.58 -2.85
N LEU A 298 13.83 23.33 -3.94
CA LEU A 298 14.05 22.79 -5.29
C LEU A 298 15.56 22.71 -5.51
N ASN A 299 16.11 21.50 -5.41
CA ASN A 299 17.53 21.27 -5.64
C ASN A 299 17.74 21.05 -7.13
N ILE A 300 18.34 22.03 -7.80
CA ILE A 300 18.53 21.96 -9.24
C ILE A 300 19.50 20.83 -9.60
N SER A 301 20.43 20.50 -8.71
CA SER A 301 21.41 19.46 -9.01
C SER A 301 20.73 18.11 -9.24
N GLN A 302 19.74 17.76 -8.43
CA GLN A 302 19.01 16.51 -8.64
C GLN A 302 18.24 16.55 -9.96
N VAL A 303 17.68 17.71 -10.32
CA VAL A 303 16.98 17.85 -11.59
C VAL A 303 17.93 17.57 -12.75
N PHE A 304 19.13 18.15 -12.70
CA PHE A 304 20.11 17.87 -13.75
C PHE A 304 20.55 16.41 -13.72
N ASP A 305 20.71 15.83 -12.54
CA ASP A 305 21.15 14.44 -12.44
C ASP A 305 20.13 13.51 -13.10
N GLU A 306 18.84 13.76 -12.85
CA GLU A 306 17.81 12.97 -13.51
C GLU A 306 17.72 13.28 -15.00
N VAL A 307 18.00 14.51 -15.41
CA VAL A 307 18.00 14.84 -16.83
C VAL A 307 19.20 14.19 -17.53
N ASP A 308 20.38 14.29 -16.93
CA ASP A 308 21.60 13.76 -17.52
C ASP A 308 21.65 12.26 -17.21
N THR A 309 21.15 11.45 -18.13
CA THR A 309 21.09 10.02 -17.90
C THR A 309 22.46 9.36 -18.01
N ASP A 310 23.36 9.93 -18.83
CA ASP A 310 24.68 9.34 -19.02
C ASP A 310 25.53 9.36 -17.76
N GLN A 311 25.16 10.19 -16.77
CA GLN A 311 25.96 10.45 -15.57
C GLN A 311 27.34 11.02 -15.90
N SER A 312 27.49 11.58 -17.10
CA SER A 312 28.75 12.14 -17.57
C SER A 312 28.88 13.63 -17.28
N GLY A 313 27.82 14.26 -16.78
CA GLY A 313 27.84 15.67 -16.45
C GLY A 313 27.60 16.61 -17.60
N VAL A 314 27.48 16.10 -18.82
CA VAL A 314 27.26 16.93 -20.00
C VAL A 314 26.03 16.41 -20.74
N LEU A 315 25.21 17.34 -21.25
CA LEU A 315 23.99 16.99 -21.95
C LEU A 315 24.24 16.92 -23.45
N SER A 316 23.80 15.83 -24.06
CA SER A 316 23.83 15.71 -25.51
C SER A 316 22.64 16.44 -26.10
N ASP A 317 22.51 16.37 -27.43
CA ASP A 317 21.40 17.05 -28.10
C ASP A 317 20.06 16.47 -27.72
N ARG A 318 20.02 15.18 -27.35
CA ARG A 318 18.75 14.54 -27.02
C ARG A 318 18.27 14.86 -25.61
N GLU A 319 19.19 15.10 -24.68
CA GLU A 319 18.79 15.41 -23.30
C GLU A 319 18.28 16.84 -23.14
N ILE A 320 18.69 17.74 -24.03
CA ILE A 320 18.11 19.08 -24.03
C ILE A 320 16.62 19.01 -24.34
N ARG A 321 16.21 18.02 -25.14
CA ARG A 321 14.79 17.83 -25.40
C ARG A 321 14.02 17.57 -24.12
N THR A 322 14.51 16.62 -23.30
CA THR A 322 13.83 16.31 -22.04
C THR A 322 13.86 17.51 -21.09
N LEU A 323 15.00 18.20 -21.01
CA LEU A 323 15.08 19.37 -20.14
C LEU A 323 14.07 20.44 -20.56
N ALA A 324 14.01 20.73 -21.87
CA ALA A 324 13.09 21.75 -22.36
C ALA A 324 11.64 21.34 -22.14
N THR A 325 11.31 20.08 -22.40
CA THR A 325 9.92 19.67 -22.25
C THR A 325 9.49 19.66 -20.79
N ARG A 326 10.40 19.34 -19.87
CA ARG A 326 10.08 19.49 -18.45
C ARG A 326 9.95 20.95 -18.06
N ILE A 327 10.76 21.82 -18.67
CA ILE A 327 10.64 23.25 -18.40
C ILE A 327 9.37 23.82 -19.03
N HIS A 328 9.06 23.41 -20.25
CA HIS A 328 7.98 24.04 -21.02
C HIS A 328 6.65 23.33 -20.79
N GLU A 329 5.59 23.97 -21.29
CA GLU A 329 4.23 23.46 -21.19
C GLU A 329 3.74 23.04 -22.58
N LEU A 330 2.91 22.00 -22.60
CA LEU A 330 2.42 21.47 -23.87
C LEU A 330 1.50 22.48 -24.56
N PRO A 331 1.52 22.56 -25.89
CA PRO A 331 2.42 21.86 -26.84
C PRO A 331 3.78 22.55 -26.94
N LEU A 332 4.76 21.93 -27.59
CA LEU A 332 6.12 22.47 -27.66
C LEU A 332 6.48 22.77 -29.10
N SER A 333 6.87 24.01 -29.37
CA SER A 333 7.34 24.44 -30.67
C SER A 333 8.86 24.54 -30.69
N LEU A 334 9.42 24.50 -31.90
CA LEU A 334 10.87 24.56 -32.05
C LEU A 334 11.42 25.93 -31.62
N GLN A 335 10.60 26.97 -31.66
CA GLN A 335 11.06 28.30 -31.29
C GLN A 335 11.53 28.34 -29.84
N ASP A 336 10.78 27.70 -28.94
CA ASP A 336 11.15 27.69 -27.54
C ASP A 336 12.48 26.99 -27.32
N LEU A 337 12.70 25.86 -28.00
CA LEU A 337 13.96 25.14 -27.88
C LEU A 337 15.12 25.96 -28.44
N THR A 338 14.90 26.64 -29.56
CA THR A 338 15.95 27.50 -30.10
C THR A 338 16.26 28.64 -29.13
N GLY A 339 15.23 29.21 -28.49
CA GLY A 339 15.47 30.24 -27.50
C GLY A 339 16.19 29.75 -26.27
N LEU A 340 15.90 28.52 -25.84
CA LEU A 340 16.65 27.91 -24.75
C LEU A 340 18.12 27.76 -25.13
N GLU A 341 18.38 27.29 -26.36
CA GLU A 341 19.76 27.18 -26.83
C GLU A 341 20.43 28.55 -26.91
N HIS A 342 19.67 29.56 -27.34
CA HIS A 342 20.21 30.92 -27.47
C HIS A 342 20.54 31.52 -26.11
N MET A 343 19.67 31.32 -25.12
CA MET A 343 19.98 31.83 -23.79
C MET A 343 21.15 31.07 -23.18
N LEU A 344 21.27 29.77 -23.48
CA LEU A 344 22.44 29.03 -23.03
C LEU A 344 23.73 29.61 -23.59
N ILE A 345 23.76 29.89 -24.90
CA ILE A 345 24.99 30.42 -25.48
C ILE A 345 25.25 31.85 -25.00
N ASN A 346 24.18 32.63 -24.81
CA ASN A 346 24.36 33.99 -24.28
C ASN A 346 24.97 33.94 -22.88
N CYS A 347 24.49 33.04 -22.03
CA CYS A 347 25.04 32.90 -20.69
C CYS A 347 26.48 32.41 -20.72
N SER A 348 26.79 31.48 -21.62
CA SER A 348 28.16 30.98 -21.71
C SER A 348 29.11 32.08 -22.18
N LYS A 349 28.67 32.92 -23.11
CA LYS A 349 29.55 33.97 -23.63
C LYS A 349 29.68 35.13 -22.66
N MET A 350 28.61 35.49 -21.94
CA MET A 350 28.70 36.62 -21.02
C MET A 350 29.52 36.29 -19.78
N LEU A 351 29.48 35.04 -19.32
CA LEU A 351 30.24 34.62 -18.16
C LEU A 351 31.52 33.93 -18.60
N PRO A 352 32.69 34.44 -18.25
CA PRO A 352 33.94 33.77 -18.64
C PRO A 352 34.04 32.39 -18.02
N ALA A 353 34.62 31.47 -18.79
CA ALA A 353 34.78 30.08 -18.35
C ALA A 353 36.24 29.73 -18.13
N THR A 364 35.88 12.64 -28.26
CA THR A 364 34.81 12.84 -27.29
C THR A 364 34.04 14.12 -27.59
N GLN A 365 34.24 14.65 -28.79
CA GLN A 365 33.58 15.88 -29.25
C GLN A 365 32.17 15.51 -29.73
N GLU A 366 31.22 15.57 -28.79
CA GLU A 366 29.84 15.26 -29.12
C GLU A 366 29.29 16.27 -30.12
N SER A 367 28.61 15.76 -31.15
CA SER A 367 28.03 16.62 -32.16
C SER A 367 26.68 17.15 -31.70
N TYR A 368 26.48 18.45 -31.89
CA TYR A 368 25.23 19.13 -31.55
C TYR A 368 24.56 19.64 -32.82
N TYR A 369 23.40 20.27 -32.64
CA TYR A 369 22.71 20.87 -33.77
C TYR A 369 23.38 22.18 -34.17
N ASP A 370 23.46 23.13 -33.25
CA ASP A 370 24.13 24.38 -33.51
C ASP A 370 25.58 24.28 -33.04
N PRO A 371 26.57 24.43 -33.92
CA PRO A 371 27.96 24.37 -33.48
C PRO A 371 28.34 25.47 -32.51
N ASN A 372 27.57 26.57 -32.46
CA ASN A 372 27.84 27.64 -31.51
C ASN A 372 27.52 27.25 -30.08
N LEU A 373 26.86 26.12 -29.85
CA LEU A 373 26.53 25.67 -28.50
C LEU A 373 27.76 25.07 -27.84
N PRO A 374 28.24 25.63 -26.72
CA PRO A 374 29.30 24.97 -25.97
C PRO A 374 28.74 23.84 -25.14
N PRO A 375 29.57 22.89 -24.71
CA PRO A 375 29.06 21.82 -23.85
C PRO A 375 28.53 22.39 -22.54
N VAL A 376 27.41 21.84 -22.08
CA VAL A 376 26.70 22.34 -20.91
C VAL A 376 27.02 21.41 -19.74
N THR A 377 27.33 22.00 -18.59
CA THR A 377 27.69 21.24 -17.40
C THR A 377 26.98 21.83 -16.19
N LYS A 378 27.16 21.18 -15.03
CA LYS A 378 26.61 21.67 -13.79
C LYS A 378 27.06 23.10 -13.49
N SER A 379 28.36 23.37 -13.68
CA SER A 379 28.89 24.71 -13.45
C SER A 379 28.25 25.75 -14.37
N LEU A 380 27.68 25.32 -15.49
CA LEU A 380 27.01 26.22 -16.42
C LEU A 380 25.52 26.34 -16.13
N VAL A 381 24.83 25.20 -15.98
CA VAL A 381 23.38 25.24 -15.80
C VAL A 381 23.02 25.82 -14.43
N THR A 382 23.78 25.48 -13.39
CA THR A 382 23.45 25.99 -12.06
C THR A 382 23.71 27.48 -11.95
N ASN A 383 24.71 27.99 -12.65
CA ASN A 383 25.07 29.40 -12.61
C ASN A 383 24.38 30.20 -13.71
N CYS A 384 23.51 29.58 -14.51
CA CYS A 384 22.75 30.26 -15.55
C CYS A 384 21.43 30.71 -14.96
N LYS A 385 21.33 32.00 -14.63
CA LYS A 385 20.15 32.51 -13.93
C LYS A 385 18.85 32.33 -14.71
N PRO A 386 18.76 32.65 -16.01
CA PRO A 386 17.45 32.54 -16.68
C PRO A 386 16.86 31.14 -16.67
N VAL A 387 17.68 30.11 -16.92
CA VAL A 387 17.14 28.75 -16.93
C VAL A 387 16.73 28.33 -15.53
N THR A 388 17.48 28.75 -14.50
CA THR A 388 17.08 28.42 -13.13
C THR A 388 15.76 29.07 -12.77
N ASP A 389 15.58 30.35 -13.14
CA ASP A 389 14.31 31.01 -12.88
C ASP A 389 13.17 30.35 -13.63
N LYS A 390 13.42 29.93 -14.87
CA LYS A 390 12.38 29.26 -15.64
C LYS A 390 12.02 27.91 -15.05
N ILE A 391 13.01 27.17 -14.53
CA ILE A 391 12.74 25.90 -13.87
C ILE A 391 11.92 26.13 -12.60
N HIS A 392 12.31 27.13 -11.81
CA HIS A 392 11.57 27.42 -10.57
C HIS A 392 10.13 27.80 -10.87
N LYS A 393 9.92 28.62 -11.90
CA LYS A 393 8.55 28.97 -12.30
C LYS A 393 7.80 27.74 -12.78
N ALA A 394 8.48 26.86 -13.54
CA ALA A 394 7.80 25.68 -14.09
C ALA A 394 7.53 24.64 -13.01
N TYR A 395 8.56 24.27 -12.25
CA TYR A 395 8.41 23.23 -11.23
C TYR A 395 7.70 23.80 -10.01
N LYS A 396 6.55 23.22 -9.67
CA LYS A 396 5.84 23.61 -8.47
C LYS A 396 6.60 23.11 -7.23
N ASP A 397 6.34 23.76 -6.10
CA ASP A 397 6.90 23.31 -4.84
C ASP A 397 6.39 21.92 -4.50
N LYS A 398 7.30 21.03 -4.12
CA LYS A 398 6.97 19.65 -3.81
C LYS A 398 7.10 19.42 -2.32
N ASN A 399 6.19 18.62 -1.76
CA ASN A 399 6.19 18.35 -0.34
C ASN A 399 7.39 17.49 0.04
N LYS A 400 7.93 17.74 1.23
CA LYS A 400 9.09 16.99 1.69
C LYS A 400 8.73 15.55 2.03
N TYR A 401 7.53 15.32 2.54
CA TYR A 401 7.06 13.98 2.86
C TYR A 401 5.81 13.66 2.07
N ARG A 402 5.57 12.37 1.87
CA ARG A 402 4.38 11.88 1.17
C ARG A 402 3.34 11.40 2.18
N PHE A 403 2.10 11.26 1.70
CA PHE A 403 1.01 10.90 2.57
C PHE A 403 -0.14 10.33 1.75
N GLU A 404 -1.06 9.67 2.45
CA GLU A 404 -2.31 9.19 1.86
C GLU A 404 -3.45 9.55 2.80
N ILE A 405 -4.58 9.93 2.22
CA ILE A 405 -5.72 10.45 2.97
C ILE A 405 -6.92 9.52 2.77
N MET A 406 -7.57 9.16 3.87
CA MET A 406 -8.85 8.46 3.83
C MET A 406 -9.72 9.02 4.95
N GLY A 407 -10.78 8.30 5.31
CA GLY A 407 -11.68 8.78 6.35
C GLY A 407 -11.92 7.83 7.49
N GLU A 408 -13.18 7.74 7.91
CA GLU A 408 -13.59 6.92 9.04
C GLU A 408 -13.92 5.48 8.62
N GLU A 409 -13.16 4.93 7.69
CA GLU A 409 -13.49 3.62 7.11
C GLU A 409 -13.57 2.53 8.19
N GLU A 410 -12.55 2.43 9.05
CA GLU A 410 -12.47 1.35 10.02
C GLU A 410 -12.12 1.90 11.41
N ILE A 411 -12.79 2.97 11.81
CA ILE A 411 -12.57 3.62 13.10
C ILE A 411 -13.87 3.64 13.87
N ALA A 412 -13.84 3.09 15.08
CA ALA A 412 -15.04 2.97 15.92
C ALA A 412 -15.03 4.08 16.97
N PHE A 413 -15.42 5.27 16.55
CA PHE A 413 -15.59 6.37 17.50
C PHE A 413 -16.97 6.26 18.13
N LYS A 414 -17.04 5.46 19.20
CA LYS A 414 -18.30 5.17 19.88
C LYS A 414 -18.42 6.04 21.12
N MET A 415 -19.58 6.67 21.28
CA MET A 415 -19.83 7.60 22.38
C MET A 415 -20.74 6.95 23.41
N ILE A 416 -20.34 7.02 24.68
CA ILE A 416 -21.14 6.48 25.78
C ILE A 416 -21.95 7.62 26.39
N ARG A 417 -23.27 7.52 26.31
CA ARG A 417 -24.16 8.57 26.76
C ARG A 417 -24.95 8.19 27.99
N THR A 418 -24.54 7.14 28.72
CA THR A 418 -25.20 6.70 29.94
C THR A 418 -26.65 6.27 29.67
N ASN A 419 -26.82 5.43 28.65
CA ASN A 419 -28.13 4.85 28.32
C ASN A 419 -27.86 3.44 27.84
N VAL A 420 -28.10 2.45 28.72
CA VAL A 420 -27.69 1.08 28.46
C VAL A 420 -28.34 0.54 27.20
N SER A 421 -29.55 1.02 26.86
CA SER A 421 -30.19 0.60 25.63
C SER A 421 -29.37 1.00 24.42
N HIS A 422 -28.71 2.16 24.48
CA HIS A 422 -27.83 2.60 23.40
C HIS A 422 -26.41 2.09 23.55
N VAL A 423 -25.95 1.87 24.78
CA VAL A 423 -24.61 1.31 24.99
C VAL A 423 -24.53 -0.09 24.41
N VAL A 424 -25.55 -0.92 24.66
CA VAL A 424 -25.54 -2.26 24.11
C VAL A 424 -25.63 -2.22 22.59
N GLY A 425 -26.37 -1.25 22.04
CA GLY A 425 -26.43 -1.11 20.60
C GLY A 425 -25.08 -0.79 20.00
N GLN A 426 -24.35 0.15 20.62
CA GLN A 426 -23.02 0.50 20.14
C GLN A 426 -22.08 -0.69 20.23
N LEU A 427 -22.12 -1.43 21.35
CA LEU A 427 -21.24 -2.58 21.51
C LEU A 427 -21.58 -3.68 20.51
N ASP A 428 -22.87 -3.87 20.21
CA ASP A 428 -23.26 -4.83 19.19
C ASP A 428 -22.81 -4.38 17.81
N ASP A 429 -22.82 -3.06 17.57
CA ASP A 429 -22.29 -2.54 16.32
C ASP A 429 -20.81 -2.87 16.18
N ILE A 430 -20.06 -2.73 17.27
CA ILE A 430 -18.64 -3.11 17.26
C ILE A 430 -18.50 -4.61 17.02
N ARG A 431 -19.33 -5.42 17.70
CA ARG A 431 -19.16 -6.86 17.64
C ARG A 431 -19.51 -7.43 16.27
N LYS A 432 -20.61 -6.97 15.66
CA LYS A 432 -20.97 -7.47 14.34
C LYS A 432 -19.95 -7.06 13.29
N ASN A 433 -19.49 -5.81 13.33
CA ASN A 433 -18.51 -5.28 12.38
C ASN A 433 -17.20 -5.03 13.12
N PRO A 434 -16.30 -6.01 13.18
CA PRO A 434 -15.00 -5.76 13.83
C PRO A 434 -14.23 -4.68 13.10
N ARG A 435 -13.51 -3.86 13.85
CA ARG A 435 -12.83 -2.70 13.29
C ARG A 435 -11.41 -2.65 13.82
N LYS A 436 -10.53 -1.99 13.07
CA LYS A 436 -9.11 -1.95 13.42
C LYS A 436 -8.84 -1.00 14.58
N PHE A 437 -9.60 0.09 14.68
CA PHE A 437 -9.42 1.09 15.72
C PHE A 437 -10.74 1.31 16.43
N VAL A 438 -10.72 1.19 17.77
CA VAL A 438 -11.93 1.29 18.57
C VAL A 438 -11.70 2.37 19.63
N CYS A 439 -12.67 3.28 19.77
CA CYS A 439 -12.64 4.33 20.77
C CYS A 439 -13.81 4.16 21.70
N LEU A 440 -13.53 4.01 22.99
CA LEU A 440 -14.51 3.68 24.02
C LEU A 440 -14.33 4.58 25.24
N ASN A 441 -14.27 5.89 25.02
CA ASN A 441 -14.06 6.84 26.11
C ASN A 441 -15.14 6.67 27.18
N ASP A 442 -14.71 6.76 28.44
CA ASP A 442 -15.56 6.44 29.59
C ASP A 442 -16.24 7.71 30.07
N ASN A 443 -17.40 7.99 29.49
CA ASN A 443 -18.22 9.16 29.84
C ASN A 443 -19.49 8.68 30.51
N ILE A 444 -19.55 8.78 31.83
CA ILE A 444 -20.69 8.34 32.62
C ILE A 444 -21.20 9.53 33.43
N ASP A 445 -22.53 9.63 33.56
CA ASP A 445 -23.07 10.73 34.36
C ASP A 445 -22.80 10.54 35.85
N HIS A 446 -22.69 9.31 36.32
CA HIS A 446 -22.32 8.99 37.71
C HIS A 446 -23.31 9.55 38.73
N ASN A 447 -24.37 10.20 38.26
CA ASN A 447 -25.48 10.65 39.11
C ASN A 447 -26.79 10.01 38.66
N HIS A 448 -26.68 8.84 38.03
CA HIS A 448 -27.83 8.15 37.46
C HIS A 448 -28.03 6.85 38.22
N LYS A 449 -29.28 6.41 38.31
CA LYS A 449 -29.59 5.19 39.07
C LYS A 449 -28.90 3.97 38.47
N ASP A 450 -28.90 3.85 37.14
CA ASP A 450 -28.32 2.71 36.43
C ASP A 450 -26.93 3.02 35.87
N ALA A 451 -26.21 3.95 36.49
CA ALA A 451 -24.90 4.32 35.97
C ALA A 451 -23.89 3.19 36.17
N GLN A 452 -23.99 2.46 37.28
CA GLN A 452 -23.09 1.32 37.49
C GLN A 452 -23.36 0.22 36.47
N THR A 453 -24.61 0.11 36.00
CA THR A 453 -24.92 -0.91 35.01
C THR A 453 -24.22 -0.65 33.68
N VAL A 454 -24.05 0.62 33.32
CA VAL A 454 -23.30 0.95 32.10
C VAL A 454 -21.86 0.48 32.21
N LYS A 455 -21.24 0.72 33.37
CA LYS A 455 -19.88 0.23 33.61
C LYS A 455 -19.86 -1.30 33.58
N ALA A 456 -20.87 -1.94 34.15
CA ALA A 456 -20.92 -3.39 34.18
C ALA A 456 -20.97 -3.97 32.77
N VAL A 457 -21.84 -3.43 31.91
CA VAL A 457 -21.93 -3.95 30.55
C VAL A 457 -20.70 -3.59 29.73
N LEU A 458 -20.09 -2.43 29.99
CA LEU A 458 -18.85 -2.08 29.29
C LEU A 458 -17.73 -3.04 29.66
N ARG A 459 -17.60 -3.36 30.95
CA ARG A 459 -16.60 -4.34 31.36
C ARG A 459 -16.93 -5.73 30.84
N ASP A 460 -18.21 -6.05 30.71
CA ASP A 460 -18.60 -7.33 30.12
C ASP A 460 -18.15 -7.41 28.66
N PHE A 461 -18.33 -6.32 27.91
CA PHE A 461 -17.83 -6.26 26.54
C PHE A 461 -16.30 -6.39 26.51
N TYR A 462 -15.62 -5.70 27.43
CA TYR A 462 -14.17 -5.79 27.49
C TYR A 462 -13.71 -7.21 27.76
N GLU A 463 -14.37 -7.91 28.69
CA GLU A 463 -14.05 -9.30 28.98
C GLU A 463 -14.34 -10.18 27.77
N SER A 464 -15.43 -9.89 27.06
CA SER A 464 -15.78 -10.67 25.87
C SER A 464 -14.70 -10.54 24.80
N MET A 465 -14.19 -9.33 24.60
CA MET A 465 -13.22 -9.10 23.53
C MET A 465 -11.91 -9.81 23.81
N PHE A 466 -11.34 -9.62 25.00
CA PHE A 466 -10.01 -10.14 25.34
C PHE A 466 -10.04 -10.80 26.71
N PRO A 467 -10.48 -12.05 26.79
CA PRO A 467 -10.42 -12.79 28.06
C PRO A 467 -9.14 -13.57 28.29
N ILE A 468 -8.33 -13.78 27.25
CA ILE A 468 -7.11 -14.57 27.40
C ILE A 468 -6.13 -13.82 28.29
N PRO A 469 -5.43 -14.51 29.20
CA PRO A 469 -4.42 -13.82 30.02
C PRO A 469 -3.24 -13.34 29.19
N SER A 470 -2.62 -12.26 29.65
CA SER A 470 -1.44 -11.69 29.02
C SER A 470 -0.26 -11.78 29.97
N GLN A 471 0.94 -11.88 29.40
CA GLN A 471 2.14 -12.06 30.21
C GLN A 471 2.53 -10.80 30.97
N PHE A 472 1.90 -9.66 30.69
CA PHE A 472 2.20 -8.42 31.38
C PHE A 472 1.40 -8.25 32.68
N GLU A 473 0.86 -9.33 33.25
CA GLU A 473 0.05 -9.27 34.46
C GLU A 473 0.59 -10.25 35.48
N LEU A 474 0.51 -9.86 36.76
CA LEU A 474 0.97 -10.74 37.84
C LEU A 474 -0.06 -11.85 38.07
N PRO A 475 0.37 -13.12 38.06
CA PRO A 475 -0.59 -14.21 38.30
C PRO A 475 -1.07 -14.27 39.73
N ARG A 476 -1.96 -13.36 40.11
CA ARG A 476 -2.51 -13.32 41.45
C ARG A 476 -3.51 -14.46 41.68
N TYR B 19 26.56 -13.19 14.89
CA TYR B 19 26.30 -12.54 16.16
C TYR B 19 24.82 -12.71 16.54
N HIS B 20 24.54 -12.74 17.84
CA HIS B 20 23.18 -12.95 18.30
C HIS B 20 22.27 -11.77 17.96
N VAL B 21 22.84 -10.57 17.87
CA VAL B 21 22.04 -9.39 17.56
C VAL B 21 21.45 -9.48 16.16
N LEU B 22 22.24 -9.95 15.19
CA LEU B 22 21.75 -10.06 13.82
C LEU B 22 20.58 -11.03 13.73
N PHE B 23 20.67 -12.16 14.43
CA PHE B 23 19.57 -13.12 14.42
C PHE B 23 18.35 -12.59 15.17
N ASP B 24 18.56 -11.95 16.32
CA ASP B 24 17.45 -11.48 17.14
C ASP B 24 16.78 -10.24 16.57
N SER B 25 17.42 -9.54 15.63
CA SER B 25 16.86 -8.30 15.11
C SER B 25 15.48 -8.53 14.49
N TYR B 26 15.32 -9.60 13.74
CA TYR B 26 14.04 -9.89 13.11
C TYR B 26 13.04 -10.55 14.06
N ARG B 27 13.51 -11.15 15.15
CA ARG B 27 12.65 -11.82 16.11
C ARG B 27 12.52 -11.08 17.43
N ASP B 28 13.01 -9.85 17.51
CA ASP B 28 12.92 -9.06 18.74
C ASP B 28 11.55 -8.39 18.77
N ASN B 29 10.61 -8.98 19.51
CA ASN B 29 9.26 -8.45 19.60
C ASN B 29 8.57 -9.10 20.78
N ILE B 30 7.35 -8.63 21.07
CA ILE B 30 6.58 -9.16 22.19
C ILE B 30 6.22 -10.62 21.95
N ALA B 31 5.70 -10.93 20.76
CA ALA B 31 5.29 -12.29 20.45
C ALA B 31 6.48 -13.23 20.32
N GLY B 32 7.68 -12.72 20.07
CA GLY B 32 8.83 -13.58 19.89
C GLY B 32 8.87 -14.32 18.58
N LYS B 33 8.04 -13.93 17.62
CA LYS B 33 7.93 -14.63 16.34
C LYS B 33 8.41 -13.72 15.21
N SER B 34 8.88 -14.33 14.14
CA SER B 34 9.38 -13.61 12.98
C SER B 34 8.25 -13.42 11.98
N PHE B 35 7.95 -12.16 11.67
CA PHE B 35 6.90 -11.80 10.72
C PHE B 35 7.45 -11.43 9.35
N GLN B 36 8.57 -12.05 8.95
CA GLN B 36 9.22 -11.68 7.70
C GLN B 36 8.38 -12.09 6.50
N ASN B 37 7.65 -13.20 6.60
CA ASN B 37 6.82 -13.66 5.49
C ASN B 37 5.66 -12.71 5.18
N ARG B 38 5.36 -11.77 6.06
CA ARG B 38 4.29 -10.82 5.85
C ARG B 38 4.78 -9.39 5.64
N LEU B 39 5.81 -8.96 6.36
CA LEU B 39 6.24 -7.56 6.33
C LEU B 39 7.24 -7.26 5.22
N CYS B 40 7.78 -8.27 4.54
CA CYS B 40 8.89 -8.06 3.62
C CYS B 40 8.50 -8.23 2.16
N LEU B 41 7.19 -8.21 1.84
CA LEU B 41 6.67 -8.30 0.48
C LEU B 41 6.97 -9.65 -0.16
N PRO B 42 6.23 -10.06 -1.20
CA PRO B 42 6.49 -11.36 -1.84
C PRO B 42 7.72 -11.30 -2.73
N MET B 43 8.80 -11.92 -2.30
CA MET B 43 10.04 -11.98 -3.04
C MET B 43 10.49 -13.43 -3.18
N PRO B 44 11.21 -13.76 -4.26
CA PRO B 44 11.65 -12.93 -5.39
C PRO B 44 10.59 -12.77 -6.46
N ILE B 45 10.86 -11.96 -7.48
CA ILE B 45 9.95 -11.74 -8.60
C ILE B 45 10.75 -11.80 -9.90
N ASP B 46 10.22 -12.50 -10.90
CA ASP B 46 10.87 -12.66 -12.19
C ASP B 46 10.12 -11.89 -13.26
N VAL B 47 10.76 -11.80 -14.43
CA VAL B 47 10.23 -11.08 -15.58
C VAL B 47 10.24 -12.01 -16.77
N VAL B 48 9.13 -12.05 -17.52
CA VAL B 48 8.98 -12.92 -18.68
C VAL B 48 8.65 -12.09 -19.90
N TYR B 49 9.29 -12.42 -21.02
CA TYR B 49 9.12 -11.71 -22.28
C TYR B 49 8.60 -12.64 -23.36
N THR B 50 7.79 -12.08 -24.27
CA THR B 50 7.31 -12.80 -25.45
C THR B 50 7.74 -11.99 -26.67
N TRP B 51 8.78 -12.45 -27.36
CA TRP B 51 9.34 -11.74 -28.50
C TRP B 51 9.43 -12.67 -29.69
N VAL B 52 9.25 -12.11 -30.88
CA VAL B 52 9.34 -12.84 -32.14
C VAL B 52 9.96 -11.91 -33.18
N ASN B 53 10.75 -12.47 -34.08
CA ASN B 53 11.46 -11.71 -35.10
C ASN B 53 10.95 -12.07 -36.49
N GLY B 54 10.93 -11.07 -37.36
CA GLY B 54 10.52 -11.29 -38.74
C GLY B 54 11.66 -11.78 -39.61
N THR B 55 12.14 -12.99 -39.34
CA THR B 55 13.25 -13.58 -40.08
C THR B 55 12.74 -14.28 -41.32
N ASP B 56 13.69 -14.77 -42.13
CA ASP B 56 13.33 -15.43 -43.38
C ASP B 56 12.57 -16.73 -43.12
N LEU B 57 13.02 -17.52 -42.14
CA LEU B 57 12.36 -18.79 -41.87
C LEU B 57 10.95 -18.59 -41.36
N GLU B 58 10.74 -17.62 -40.47
CA GLU B 58 9.39 -17.35 -39.97
C GLU B 58 8.45 -16.91 -41.09
N LEU B 59 8.93 -16.01 -41.95
CA LEU B 59 8.11 -15.57 -43.08
C LEU B 59 7.81 -16.74 -44.02
N LEU B 60 8.80 -17.59 -44.29
CA LEU B 60 8.57 -18.75 -45.15
C LEU B 60 7.54 -19.69 -44.55
N LYS B 61 7.61 -19.94 -43.24
CA LYS B 61 6.64 -20.84 -42.61
C LYS B 61 5.24 -20.23 -42.61
N GLU B 62 5.14 -18.91 -42.38
CA GLU B 62 3.84 -18.26 -42.47
C GLU B 62 3.27 -18.35 -43.88
N LEU B 63 4.12 -18.13 -44.89
CA LEU B 63 3.66 -18.25 -46.27
C LEU B 63 3.19 -19.65 -46.58
N THR B 64 3.93 -20.66 -46.13
CA THR B 64 3.53 -22.04 -46.33
C THR B 64 2.18 -22.33 -45.65
N GLU B 65 2.01 -21.84 -44.42
CA GLU B 65 0.76 -22.09 -43.71
C GLU B 65 -0.41 -21.44 -44.43
N LEU B 66 -0.24 -20.20 -44.90
CA LEU B 66 -1.35 -19.50 -45.55
C LEU B 66 -1.66 -20.13 -46.90
N LYS B 67 -0.63 -20.57 -47.65
CA LYS B 67 -0.88 -21.21 -48.93
C LYS B 67 -1.46 -22.61 -48.77
N ARG B 68 -1.14 -23.29 -47.66
CA ARG B 68 -1.72 -24.60 -47.39
C ARG B 68 -3.19 -24.46 -47.01
N SER B 69 -3.51 -23.51 -46.13
CA SER B 69 -4.88 -23.34 -45.67
C SER B 69 -5.75 -22.73 -46.76
N ASP B 101 13.71 -4.81 -37.45
CA ASP B 101 12.72 -4.70 -36.38
C ASP B 101 12.99 -3.50 -35.50
N ASN B 102 12.02 -3.16 -34.64
CA ASN B 102 12.16 -2.01 -33.76
C ASN B 102 13.17 -2.28 -32.64
N GLU B 103 13.44 -3.54 -32.32
CA GLU B 103 14.40 -3.92 -31.29
C GLU B 103 14.05 -3.28 -29.94
N GLU B 104 12.76 -3.30 -29.60
CA GLU B 104 12.32 -2.77 -28.32
C GLU B 104 12.69 -3.68 -27.15
N LEU B 105 13.09 -4.92 -27.43
CA LEU B 105 13.54 -5.81 -26.37
C LEU B 105 14.81 -5.27 -25.71
N ARG B 106 15.77 -4.78 -26.51
CA ARG B 106 17.03 -4.31 -25.95
C ARG B 106 16.83 -3.08 -25.08
N TYR B 107 15.77 -2.32 -25.30
CA TYR B 107 15.49 -1.15 -24.49
C TYR B 107 14.62 -1.47 -23.30
N SER B 108 13.71 -2.43 -23.43
CA SER B 108 12.98 -2.90 -22.26
C SER B 108 13.91 -3.57 -21.25
N LEU B 109 14.97 -4.23 -21.73
CA LEU B 109 15.96 -4.76 -20.81
C LEU B 109 16.67 -3.65 -20.03
N ARG B 110 17.02 -2.56 -20.72
CA ARG B 110 17.61 -1.41 -20.03
C ARG B 110 16.63 -0.82 -19.03
N SER B 111 15.35 -0.76 -19.39
CA SER B 111 14.34 -0.25 -18.45
C SER B 111 14.24 -1.14 -17.22
N ILE B 112 14.30 -2.47 -17.41
CA ILE B 112 14.30 -3.37 -16.27
C ILE B 112 15.52 -3.15 -15.40
N GLU B 113 16.68 -3.00 -16.04
CA GLU B 113 17.93 -2.81 -15.28
C GLU B 113 17.90 -1.52 -14.48
N ARG B 114 17.41 -0.44 -15.07
CA ARG B 114 17.47 0.87 -14.45
C ARG B 114 16.35 1.12 -13.45
N HIS B 115 15.11 0.77 -13.80
CA HIS B 115 13.96 1.11 -12.97
C HIS B 115 13.50 -0.03 -12.08
N ALA B 116 13.81 -1.28 -12.41
CA ALA B 116 13.38 -2.44 -11.64
C ALA B 116 14.60 -3.30 -11.31
N PRO B 117 15.50 -2.79 -10.45
CA PRO B 117 16.70 -3.57 -10.13
C PRO B 117 16.45 -4.73 -9.18
N TRP B 118 15.24 -4.85 -8.63
CA TRP B 118 14.95 -5.87 -7.63
C TRP B 118 14.45 -7.19 -8.22
N VAL B 119 14.32 -7.27 -9.55
CA VAL B 119 13.91 -8.55 -10.15
C VAL B 119 15.05 -9.54 -10.07
N ARG B 120 14.70 -10.83 -10.10
CA ARG B 120 15.69 -11.88 -9.92
C ARG B 120 16.23 -12.39 -11.26
N ASN B 121 15.35 -12.90 -12.12
CA ASN B 121 15.75 -13.46 -13.40
C ASN B 121 14.78 -12.98 -14.47
N ILE B 122 15.27 -12.98 -15.71
CA ILE B 122 14.48 -12.59 -16.88
C ILE B 122 14.42 -13.78 -17.82
N PHE B 123 13.21 -14.24 -18.11
CA PHE B 123 12.97 -15.34 -19.03
C PHE B 123 12.32 -14.79 -20.30
N ILE B 124 12.81 -15.23 -21.45
CA ILE B 124 12.21 -14.87 -22.74
C ILE B 124 11.80 -16.16 -23.44
N VAL B 125 10.58 -16.16 -23.98
CA VAL B 125 10.09 -17.29 -24.76
C VAL B 125 10.05 -16.85 -26.22
N THR B 126 10.72 -17.64 -27.07
CA THR B 126 10.86 -17.30 -28.48
C THR B 126 10.93 -18.60 -29.26
N ASN B 127 10.63 -18.51 -30.56
CA ASN B 127 10.61 -19.68 -31.44
C ASN B 127 12.05 -20.09 -31.82
N GLY B 128 12.82 -20.44 -30.79
CA GLY B 128 14.17 -20.94 -30.97
C GLY B 128 15.21 -19.94 -31.39
N GLN B 129 14.83 -18.75 -31.82
CA GLN B 129 15.78 -17.76 -32.31
C GLN B 129 16.19 -16.81 -31.20
N ILE B 130 17.45 -16.38 -31.24
CA ILE B 130 18.01 -15.50 -30.22
C ILE B 130 18.72 -14.34 -30.89
N PRO B 131 18.69 -13.14 -30.30
CA PRO B 131 19.46 -12.02 -30.86
C PRO B 131 20.95 -12.25 -30.76
N SER B 132 21.68 -11.74 -31.74
CA SER B 132 23.13 -11.87 -31.74
C SER B 132 23.75 -11.05 -30.62
N TRP B 133 23.20 -9.87 -30.34
CA TRP B 133 23.78 -9.00 -29.32
C TRP B 133 23.49 -9.48 -27.90
N LEU B 134 22.51 -10.35 -27.72
CA LEU B 134 22.14 -10.78 -26.37
C LEU B 134 23.27 -11.53 -25.70
N ASN B 135 23.47 -11.26 -24.41
CA ASN B 135 24.50 -11.92 -23.62
C ASN B 135 23.94 -13.21 -23.03
N LEU B 136 23.97 -14.27 -23.85
CA LEU B 136 23.57 -15.59 -23.37
C LEU B 136 24.56 -16.13 -22.34
N ASP B 137 25.81 -15.70 -22.38
CA ASP B 137 26.79 -16.09 -21.38
C ASP B 137 26.46 -15.53 -20.00
N ASN B 138 25.61 -14.51 -19.93
CA ASN B 138 25.16 -13.98 -18.64
C ASN B 138 24.26 -15.01 -17.97
N PRO B 139 24.60 -15.48 -16.76
CA PRO B 139 23.79 -16.51 -16.08
C PRO B 139 22.61 -15.93 -15.30
N ARG B 140 21.92 -14.96 -15.90
CA ARG B 140 20.73 -14.39 -15.28
C ARG B 140 19.57 -14.20 -16.24
N VAL B 141 19.77 -14.37 -17.55
CA VAL B 141 18.69 -14.34 -18.53
C VAL B 141 18.69 -15.67 -19.25
N THR B 142 17.51 -16.30 -19.33
CA THR B 142 17.39 -17.65 -19.89
C THR B 142 16.41 -17.63 -21.05
N ILE B 143 16.84 -18.12 -22.20
CA ILE B 143 15.95 -18.34 -23.33
C ILE B 143 15.16 -19.62 -23.09
N VAL B 144 13.88 -19.60 -23.43
CA VAL B 144 12.98 -20.73 -23.19
C VAL B 144 12.31 -21.10 -24.51
N THR B 145 12.52 -22.34 -24.94
CA THR B 145 11.83 -22.88 -26.11
C THR B 145 10.54 -23.58 -25.68
N HIS B 146 9.69 -23.87 -26.66
CA HIS B 146 8.37 -24.42 -26.40
C HIS B 146 8.40 -25.88 -26.00
N GLN B 147 9.55 -26.56 -26.09
CA GLN B 147 9.64 -27.95 -25.66
C GLN B 147 9.41 -28.13 -24.17
N ASP B 148 9.54 -27.06 -23.38
CA ASP B 148 9.31 -27.11 -21.95
C ASP B 148 8.19 -26.15 -21.52
N VAL B 149 7.30 -25.79 -22.45
CA VAL B 149 6.20 -24.88 -22.18
C VAL B 149 4.85 -25.52 -22.50
N PHE B 150 4.71 -26.05 -23.71
CA PHE B 150 3.47 -26.71 -24.11
C PHE B 150 3.39 -28.12 -23.54
N ARG B 151 2.20 -28.50 -23.09
CA ARG B 151 1.98 -29.83 -22.56
C ARG B 151 2.09 -30.89 -23.65
N ASN B 152 1.63 -30.56 -24.85
CA ASN B 152 1.72 -31.44 -26.00
C ASN B 152 2.61 -30.81 -27.07
N LEU B 153 3.34 -31.65 -27.79
CA LEU B 153 4.30 -31.19 -28.77
C LEU B 153 3.69 -30.95 -30.15
N SER B 154 2.37 -31.10 -30.28
CA SER B 154 1.71 -30.91 -31.57
C SER B 154 1.39 -29.45 -31.88
N HIS B 155 1.68 -28.53 -30.96
CA HIS B 155 1.39 -27.13 -31.14
C HIS B 155 2.64 -26.28 -31.29
N LEU B 156 3.80 -26.90 -31.56
CA LEU B 156 5.06 -26.18 -31.65
C LEU B 156 5.07 -25.13 -32.77
N PRO B 157 4.33 -25.30 -33.88
CA PRO B 157 4.14 -24.14 -34.78
C PRO B 157 3.01 -23.23 -34.28
N THR B 158 3.20 -22.69 -33.08
CA THR B 158 2.12 -21.94 -32.43
C THR B 158 1.69 -20.75 -33.26
N PHE B 159 2.63 -19.89 -33.64
CA PHE B 159 2.39 -18.74 -34.51
C PHE B 159 1.30 -17.82 -33.97
N SER B 160 0.98 -17.93 -32.68
CA SER B 160 -0.09 -17.12 -32.09
C SER B 160 0.25 -16.84 -30.63
N SER B 161 0.17 -15.57 -30.25
CA SER B 161 0.55 -15.19 -28.88
C SER B 161 -0.27 -15.87 -27.79
N PRO B 162 -1.60 -15.97 -27.85
CA PRO B 162 -2.34 -16.52 -26.70
C PRO B 162 -1.93 -17.94 -26.34
N ALA B 163 -1.55 -18.76 -27.32
CA ALA B 163 -1.10 -20.11 -27.00
C ALA B 163 0.15 -20.08 -26.12
N ILE B 164 1.08 -19.19 -26.44
CA ILE B 164 2.30 -19.05 -25.64
C ILE B 164 1.98 -18.44 -24.28
N GLU B 165 1.06 -17.47 -24.26
CA GLU B 165 0.70 -16.80 -23.01
C GLU B 165 0.09 -17.78 -22.02
N SER B 166 -0.83 -18.62 -22.49
CA SER B 166 -1.53 -19.53 -21.60
C SER B 166 -0.60 -20.55 -20.96
N HIS B 167 0.61 -20.72 -21.49
CA HIS B 167 1.56 -21.68 -20.95
C HIS B 167 2.83 -21.03 -20.40
N ILE B 168 2.97 -19.71 -20.51
CA ILE B 168 4.19 -19.04 -20.05
C ILE B 168 4.45 -19.24 -18.56
N HIS B 169 3.44 -19.57 -17.77
CA HIS B 169 3.61 -19.70 -16.33
C HIS B 169 4.17 -21.05 -15.90
N ARG B 170 4.40 -21.96 -16.83
CA ARG B 170 4.77 -23.33 -16.51
C ARG B 170 6.25 -23.62 -16.75
N ILE B 171 7.08 -22.59 -16.87
CA ILE B 171 8.51 -22.78 -17.05
C ILE B 171 9.15 -23.17 -15.74
N GLU B 172 10.09 -24.11 -15.79
CA GLU B 172 10.74 -24.60 -14.57
C GLU B 172 11.63 -23.51 -13.96
N GLY B 173 11.65 -23.46 -12.63
CA GLY B 173 12.43 -22.47 -11.92
C GLY B 173 11.79 -21.10 -11.81
N LEU B 174 10.55 -20.95 -12.25
CA LEU B 174 9.88 -19.66 -12.20
C LEU B 174 9.41 -19.35 -10.79
N SER B 175 9.51 -18.07 -10.41
CA SER B 175 9.04 -17.63 -9.10
C SER B 175 7.52 -17.69 -9.02
N GLN B 176 7.01 -17.85 -7.81
CA GLN B 176 5.56 -17.95 -7.60
C GLN B 176 4.82 -16.70 -8.07
N LYS B 177 5.51 -15.57 -8.16
CA LYS B 177 4.98 -14.37 -8.77
C LYS B 177 5.96 -13.85 -9.80
N PHE B 178 5.45 -13.38 -10.93
CA PHE B 178 6.30 -12.87 -11.98
C PHE B 178 5.57 -11.77 -12.74
N ILE B 179 6.35 -10.96 -13.47
CA ILE B 179 5.84 -9.82 -14.22
C ILE B 179 5.90 -10.16 -15.70
N TYR B 180 4.78 -9.98 -16.40
CA TYR B 180 4.66 -10.37 -17.79
C TYR B 180 4.92 -9.16 -18.69
N LEU B 181 5.92 -9.28 -19.56
CA LEU B 181 6.28 -8.21 -20.48
C LEU B 181 6.00 -8.67 -21.90
N ASN B 182 5.33 -7.82 -22.67
CA ASN B 182 4.88 -8.16 -24.02
C ASN B 182 5.83 -7.64 -25.09
N ASP B 183 7.07 -7.29 -24.72
CA ASP B 183 8.15 -6.90 -25.61
C ASP B 183 7.95 -5.50 -26.18
N ASP B 184 6.83 -4.83 -25.91
CA ASP B 184 6.64 -3.45 -26.32
C ASP B 184 6.40 -2.49 -25.17
N VAL B 185 6.06 -2.98 -23.99
CA VAL B 185 5.82 -2.12 -22.82
C VAL B 185 7.09 -2.02 -22.01
N MET B 186 7.37 -0.82 -21.50
CA MET B 186 8.57 -0.56 -20.72
C MET B 186 8.19 0.14 -19.42
N PHE B 187 9.17 0.24 -18.52
CA PHE B 187 8.96 0.82 -17.21
C PHE B 187 9.33 2.31 -17.20
N GLY B 188 8.98 2.98 -16.11
CA GLY B 188 9.31 4.38 -15.90
C GLY B 188 9.29 4.69 -14.42
N LYS B 189 9.70 5.92 -14.11
CA LYS B 189 9.80 6.38 -12.73
C LYS B 189 10.62 5.41 -11.88
N ASP B 190 9.95 4.70 -10.98
CA ASP B 190 10.57 3.67 -10.16
C ASP B 190 9.48 2.69 -9.78
N VAL B 191 9.73 1.40 -10.03
CA VAL B 191 8.72 0.36 -9.84
C VAL B 191 9.17 -0.55 -8.70
N TRP B 192 8.25 -0.84 -7.80
CA TRP B 192 8.47 -1.70 -6.64
C TRP B 192 7.37 -2.73 -6.59
N PRO B 193 7.58 -3.83 -5.86
CA PRO B 193 6.50 -4.84 -5.76
C PRO B 193 5.21 -4.29 -5.18
N ASP B 194 5.28 -3.16 -4.46
CA ASP B 194 4.07 -2.54 -3.93
C ASP B 194 3.15 -2.02 -5.03
N ASP B 195 3.73 -1.63 -6.17
CA ASP B 195 2.93 -1.12 -7.28
C ASP B 195 2.09 -2.21 -7.94
N PHE B 196 2.38 -3.49 -7.66
CA PHE B 196 1.62 -4.61 -8.18
C PHE B 196 0.83 -5.35 -7.11
N TYR B 197 1.45 -5.61 -5.97
CA TYR B 197 0.84 -6.40 -4.90
C TYR B 197 1.09 -5.76 -3.55
N SER B 198 0.06 -5.79 -2.70
CA SER B 198 0.18 -5.37 -1.31
C SER B 198 -0.54 -6.38 -0.44
N HIS B 199 0.09 -6.74 0.68
CA HIS B 199 -0.45 -7.82 1.52
C HIS B 199 -1.82 -7.47 2.07
N SER B 200 -2.01 -6.23 2.52
CA SER B 200 -3.27 -5.87 3.16
C SER B 200 -4.40 -5.72 2.15
N LYS B 201 -4.08 -5.44 0.89
CA LYS B 201 -5.10 -5.23 -0.13
C LYS B 201 -4.98 -6.17 -1.31
N GLY B 202 -4.13 -7.21 -1.21
CA GLY B 202 -4.00 -8.13 -2.32
C GLY B 202 -3.33 -7.46 -3.52
N GLN B 203 -3.60 -8.03 -4.69
CA GLN B 203 -3.04 -7.50 -5.91
C GLN B 203 -3.77 -6.21 -6.32
N LYS B 204 -3.16 -5.49 -7.26
CA LYS B 204 -3.74 -4.30 -7.86
C LYS B 204 -4.05 -4.60 -9.31
N VAL B 205 -5.32 -4.48 -9.70
CA VAL B 205 -5.74 -4.69 -11.07
C VAL B 205 -6.01 -3.34 -11.71
N TYR B 206 -5.58 -3.20 -12.97
CA TYR B 206 -5.73 -1.95 -13.70
C TYR B 206 -6.76 -2.17 -14.81
N LEU B 207 -7.83 -1.39 -14.77
CA LEU B 207 -8.93 -1.49 -15.72
C LEU B 207 -9.13 -0.13 -16.37
N THR B 208 -9.18 -0.11 -17.71
CA THR B 208 -9.24 1.14 -18.45
C THR B 208 -10.68 1.58 -18.74
N TRP B 209 -11.43 0.76 -19.48
CA TRP B 209 -12.78 1.14 -19.88
C TRP B 209 -13.59 -0.12 -20.16
N PRO B 210 -14.87 -0.15 -19.83
CA PRO B 210 -15.64 -1.38 -19.96
C PRO B 210 -15.79 -1.83 -21.41
N VAL B 211 -15.93 -3.13 -21.60
CA VAL B 211 -16.21 -3.66 -22.94
C VAL B 211 -17.55 -3.11 -23.42
N PRO B 212 -17.68 -2.72 -24.69
CA PRO B 212 -18.93 -2.07 -25.11
C PRO B 212 -20.11 -3.01 -25.21
N ASN B 213 -19.88 -4.27 -25.59
CA ASN B 213 -20.92 -5.28 -25.80
C ASN B 213 -21.90 -4.90 -26.90
N GLY B 214 -21.60 -3.85 -27.67
CA GLY B 214 -22.48 -3.46 -28.76
C GLY B 214 -22.53 -4.50 -29.87
N GLY B 215 -21.42 -5.16 -30.14
CA GLY B 215 -21.37 -6.15 -31.20
C GLY B 215 -21.43 -5.50 -32.57
N SER B 216 -21.81 -6.32 -33.56
CA SER B 216 -21.92 -5.89 -34.96
C SER B 216 -20.61 -5.27 -35.47
N GLY B 217 -19.49 -5.80 -35.01
CA GLY B 217 -18.20 -5.27 -35.41
C GLY B 217 -17.08 -6.01 -34.71
N GLY B 218 -15.87 -5.49 -34.89
CA GLY B 218 -14.69 -6.11 -34.30
C GLY B 218 -14.10 -7.19 -35.19
N ASP B 219 -12.79 -7.18 -35.37
CA ASP B 219 -12.14 -8.13 -36.26
C ASP B 219 -11.62 -9.37 -35.51
N THR B 220 -10.68 -9.16 -34.58
CA THR B 220 -10.13 -10.26 -33.81
C THR B 220 -9.93 -9.95 -32.33
N PHE B 221 -10.25 -8.74 -31.88
CA PHE B 221 -10.05 -8.36 -30.48
C PHE B 221 -11.33 -8.43 -29.65
N ALA B 222 -12.40 -7.77 -30.11
CA ALA B 222 -13.64 -7.78 -29.36
C ALA B 222 -14.26 -9.16 -29.28
N ASP B 223 -14.04 -10.01 -30.29
CA ASP B 223 -14.65 -11.34 -30.28
C ASP B 223 -14.12 -12.20 -29.14
N SER B 224 -12.80 -12.16 -28.90
CA SER B 224 -12.24 -12.91 -27.78
C SER B 224 -12.74 -12.39 -26.44
N LEU B 225 -12.88 -11.06 -26.33
CA LEU B 225 -13.43 -10.48 -25.12
C LEU B 225 -14.86 -10.96 -24.88
N ARG B 226 -15.67 -11.00 -25.93
CA ARG B 226 -17.03 -11.50 -25.79
C ARG B 226 -17.04 -12.99 -25.44
N TYR B 227 -16.09 -13.75 -25.99
CA TYR B 227 -16.01 -15.17 -25.69
C TYR B 227 -15.73 -15.40 -24.21
N VAL B 228 -14.69 -14.74 -23.68
CA VAL B 228 -14.39 -14.88 -22.26
C VAL B 228 -15.53 -14.30 -21.42
N ASN B 229 -16.17 -13.24 -21.89
CA ASN B 229 -17.29 -12.66 -21.16
C ASN B 229 -18.44 -13.66 -21.04
N LYS B 230 -18.77 -14.36 -22.12
CA LYS B 230 -19.85 -15.34 -22.06
C LYS B 230 -19.46 -16.54 -21.20
N ILE B 231 -18.20 -16.95 -21.24
CA ILE B 231 -17.74 -18.05 -20.38
C ILE B 231 -17.90 -17.66 -18.92
N LEU B 232 -17.44 -16.46 -18.56
CA LEU B 232 -17.53 -16.01 -17.18
C LEU B 232 -18.97 -15.68 -16.78
N ASN B 233 -19.84 -15.34 -17.73
CA ASN B 233 -21.25 -15.18 -17.40
C ASN B 233 -21.89 -16.54 -17.10
N SER B 234 -21.57 -17.56 -17.88
CA SER B 234 -22.09 -18.89 -17.61
C SER B 234 -21.54 -19.45 -16.30
N LYS B 235 -20.32 -19.06 -15.92
CA LYS B 235 -19.72 -19.65 -14.73
C LYS B 235 -20.00 -18.87 -13.45
N PHE B 236 -19.74 -17.56 -13.45
CA PHE B 236 -19.83 -16.75 -12.25
C PHE B 236 -21.01 -15.78 -12.23
N GLY B 237 -21.66 -15.56 -13.37
CA GLY B 237 -22.78 -14.65 -13.44
C GLY B 237 -22.48 -13.45 -14.34
N PHE B 238 -23.48 -12.59 -14.47
CA PHE B 238 -23.43 -11.47 -15.40
C PHE B 238 -23.12 -10.17 -14.65
N THR B 239 -22.16 -9.42 -15.18
CA THR B 239 -21.80 -8.12 -14.62
C THR B 239 -21.10 -7.33 -15.71
N SER B 240 -21.02 -6.01 -15.51
CA SER B 240 -20.34 -5.12 -16.45
C SER B 240 -18.83 -5.23 -16.21
N ARG B 241 -18.12 -5.83 -17.17
CA ARG B 241 -16.69 -6.06 -17.06
C ARG B 241 -15.91 -5.03 -17.87
N LYS B 242 -14.66 -4.82 -17.46
CA LYS B 242 -13.76 -3.90 -18.14
C LYS B 242 -12.52 -4.64 -18.62
N VAL B 243 -11.90 -4.12 -19.66
CA VAL B 243 -10.72 -4.75 -20.25
C VAL B 243 -9.49 -4.31 -19.47
N PRO B 244 -8.63 -5.24 -19.02
CA PRO B 244 -7.42 -4.83 -18.31
C PRO B 244 -6.50 -4.03 -19.19
N ALA B 245 -5.75 -3.12 -18.57
CA ALA B 245 -4.80 -2.30 -19.31
C ALA B 245 -3.66 -3.16 -19.85
N HIS B 246 -3.13 -2.74 -21.00
CA HIS B 246 -1.98 -3.42 -21.58
C HIS B 246 -0.72 -2.86 -20.92
N MET B 247 -0.15 -3.64 -20.01
CA MET B 247 0.95 -3.19 -19.16
C MET B 247 1.62 -4.40 -18.53
N PRO B 248 2.79 -4.25 -17.92
CA PRO B 248 3.39 -5.37 -17.19
C PRO B 248 2.46 -5.86 -16.09
N HIS B 249 2.10 -7.14 -16.16
CA HIS B 249 1.12 -7.74 -15.28
C HIS B 249 1.79 -8.72 -14.32
N MET B 250 1.43 -8.62 -13.04
CA MET B 250 1.88 -9.59 -12.05
C MET B 250 0.97 -10.81 -12.06
N ILE B 251 1.57 -11.99 -12.17
CA ILE B 251 0.84 -13.23 -12.32
C ILE B 251 1.26 -14.20 -11.23
N ASP B 252 0.29 -14.89 -10.64
CA ASP B 252 0.53 -15.95 -9.69
C ASP B 252 0.48 -17.30 -10.39
N ARG B 253 1.47 -18.15 -10.11
CA ARG B 253 1.44 -19.50 -10.67
C ARG B 253 0.29 -20.32 -10.10
N ILE B 254 0.00 -20.15 -8.81
CA ILE B 254 -1.05 -20.95 -8.19
C ILE B 254 -2.42 -20.55 -8.72
N VAL B 255 -2.70 -19.25 -8.80
CA VAL B 255 -3.98 -18.79 -9.31
C VAL B 255 -4.15 -19.18 -10.78
N MET B 256 -3.08 -19.04 -11.56
CA MET B 256 -3.15 -19.43 -12.96
C MET B 256 -3.38 -20.92 -13.11
N GLN B 257 -2.73 -21.74 -12.29
CA GLN B 257 -2.94 -23.18 -12.36
C GLN B 257 -4.37 -23.55 -11.98
N GLU B 258 -4.91 -22.90 -10.96
CA GLU B 258 -6.30 -23.14 -10.60
C GLU B 258 -7.25 -22.72 -11.72
N LEU B 259 -6.94 -21.61 -12.38
CA LEU B 259 -7.74 -21.19 -13.53
C LEU B 259 -7.69 -22.21 -14.65
N GLN B 260 -6.51 -22.77 -14.92
CA GLN B 260 -6.38 -23.75 -15.99
C GLN B 260 -7.05 -25.07 -15.63
N ASP B 261 -7.08 -25.42 -14.34
CA ASP B 261 -7.77 -26.63 -13.91
C ASP B 261 -9.27 -26.43 -13.75
N MET B 262 -9.74 -25.19 -13.71
CA MET B 262 -11.16 -24.91 -13.61
C MET B 262 -11.82 -24.68 -14.97
N PHE B 263 -11.06 -24.26 -15.97
CA PHE B 263 -11.54 -24.13 -17.35
C PHE B 263 -10.58 -24.86 -18.28
N PRO B 264 -10.48 -26.18 -18.16
CA PRO B 264 -9.46 -26.92 -18.92
C PRO B 264 -9.77 -27.00 -20.40
N GLU B 265 -11.05 -27.24 -20.72
CA GLU B 265 -11.45 -27.41 -22.11
C GLU B 265 -11.19 -26.16 -22.93
N GLU B 266 -11.57 -24.99 -22.39
CA GLU B 266 -11.36 -23.75 -23.11
C GLU B 266 -9.88 -23.47 -23.32
N PHE B 267 -9.04 -23.87 -22.36
CA PHE B 267 -7.62 -23.57 -22.48
C PHE B 267 -6.92 -24.51 -23.46
N ASP B 268 -7.26 -25.79 -23.49
CA ASP B 268 -6.69 -26.61 -24.56
C ASP B 268 -7.29 -26.25 -25.91
N LYS B 269 -8.49 -25.65 -25.93
CA LYS B 269 -9.03 -25.13 -27.18
C LYS B 269 -8.22 -23.94 -27.68
N THR B 270 -7.90 -23.00 -26.78
CA THR B 270 -7.12 -21.84 -27.21
C THR B 270 -5.68 -22.23 -27.53
N SER B 271 -5.17 -23.30 -26.91
CA SER B 271 -3.88 -23.83 -27.32
C SER B 271 -3.97 -24.56 -28.65
N PHE B 272 -5.16 -25.04 -29.02
CA PHE B 272 -5.35 -25.71 -30.31
C PHE B 272 -5.18 -24.73 -31.47
N HIS B 273 -5.72 -23.52 -31.34
CA HIS B 273 -5.68 -22.55 -32.43
C HIS B 273 -4.25 -22.03 -32.62
N LYS B 274 -3.65 -22.35 -33.77
CA LYS B 274 -2.35 -21.79 -34.14
C LYS B 274 -2.47 -20.42 -34.79
N VAL B 275 -3.69 -19.93 -35.00
CA VAL B 275 -3.93 -18.57 -35.47
C VAL B 275 -4.96 -17.95 -34.53
N ARG B 276 -4.72 -16.69 -34.14
CA ARG B 276 -5.64 -16.01 -33.26
C ARG B 276 -7.03 -15.94 -33.88
N HIS B 277 -8.04 -16.33 -33.11
CA HIS B 277 -9.42 -16.43 -33.60
C HIS B 277 -10.37 -16.00 -32.49
N SER B 278 -11.66 -15.98 -32.82
CA SER B 278 -12.68 -15.63 -31.84
C SER B 278 -12.79 -16.64 -30.71
N GLU B 279 -12.31 -17.87 -30.90
CA GLU B 279 -12.52 -18.95 -29.95
C GLU B 279 -11.34 -19.14 -29.01
N ASP B 280 -10.62 -18.07 -28.68
CA ASP B 280 -9.50 -18.15 -27.75
C ASP B 280 -9.83 -17.40 -26.46
N MET B 281 -9.23 -17.85 -25.37
CA MET B 281 -9.44 -17.25 -24.05
C MET B 281 -8.23 -16.39 -23.71
N GLN B 282 -8.47 -15.10 -23.47
CA GLN B 282 -7.36 -14.17 -23.29
C GLN B 282 -6.67 -14.41 -21.95
N PHE B 283 -5.46 -13.89 -21.85
CA PHE B 283 -4.62 -14.11 -20.67
C PHE B 283 -5.03 -13.19 -19.52
N ALA B 284 -4.86 -11.88 -19.71
CA ALA B 284 -5.09 -10.93 -18.63
C ALA B 284 -6.54 -10.91 -18.20
N PHE B 285 -7.46 -10.91 -19.17
CA PHE B 285 -8.89 -10.87 -18.85
C PHE B 285 -9.28 -12.05 -17.97
N SER B 286 -8.94 -13.26 -18.42
CA SER B 286 -9.31 -14.46 -17.66
C SER B 286 -8.66 -14.46 -16.29
N TYR B 287 -7.35 -14.20 -16.22
CA TYR B 287 -6.68 -14.26 -14.92
C TYR B 287 -7.25 -13.24 -13.95
N PHE B 288 -7.38 -11.98 -14.37
CA PHE B 288 -7.80 -10.93 -13.45
C PHE B 288 -9.25 -11.13 -13.03
N TYR B 289 -10.12 -11.57 -13.93
CA TYR B 289 -11.51 -11.73 -13.49
C TYR B 289 -11.74 -13.04 -12.74
N TYR B 290 -10.91 -14.06 -12.96
CA TYR B 290 -10.93 -15.21 -12.06
C TYR B 290 -10.47 -14.81 -10.67
N LEU B 291 -9.44 -13.99 -10.58
CA LEU B 291 -8.99 -13.50 -9.28
C LEU B 291 -10.04 -12.64 -8.60
N MET B 292 -10.74 -11.80 -9.38
CA MET B 292 -11.73 -10.90 -8.81
C MET B 292 -13.08 -11.57 -8.55
N SER B 293 -13.32 -12.75 -9.12
CA SER B 293 -14.62 -13.41 -8.96
C SER B 293 -14.54 -14.79 -8.31
N ALA B 294 -13.36 -15.26 -7.95
CA ALA B 294 -13.26 -16.55 -7.27
C ALA B 294 -13.87 -16.47 -5.88
N VAL B 295 -14.61 -17.51 -5.51
CA VAL B 295 -15.30 -17.56 -4.22
C VAL B 295 -14.92 -18.86 -3.52
N GLN B 296 -15.09 -18.87 -2.20
CA GLN B 296 -14.84 -20.07 -1.43
C GLN B 296 -16.05 -20.37 -0.54
N PRO B 297 -16.43 -21.63 -0.41
CA PRO B 297 -17.51 -21.98 0.52
C PRO B 297 -17.10 -21.70 1.95
N LEU B 298 -18.08 -21.31 2.75
CA LEU B 298 -17.82 -20.95 4.14
C LEU B 298 -17.48 -22.18 4.97
N ASN B 299 -16.47 -22.05 5.83
CA ASN B 299 -16.06 -23.13 6.73
C ASN B 299 -16.44 -22.70 8.14
N ILE B 300 -17.22 -23.54 8.82
CA ILE B 300 -17.79 -23.14 10.11
C ILE B 300 -16.72 -23.03 11.19
N SER B 301 -15.57 -23.70 11.01
CA SER B 301 -14.51 -23.61 12.01
C SER B 301 -13.95 -22.20 12.10
N GLN B 302 -13.82 -21.50 10.97
CA GLN B 302 -13.24 -20.15 11.01
C GLN B 302 -14.13 -19.19 11.79
N VAL B 303 -15.43 -19.18 11.50
CA VAL B 303 -16.34 -18.31 12.24
C VAL B 303 -16.47 -18.76 13.69
N PHE B 304 -16.43 -20.07 13.94
CA PHE B 304 -16.48 -20.58 15.30
C PHE B 304 -15.27 -20.12 16.11
N ASP B 305 -14.10 -20.07 15.47
CA ASP B 305 -12.90 -19.61 16.16
C ASP B 305 -12.87 -18.09 16.34
N GLU B 306 -13.38 -17.33 15.36
CA GLU B 306 -13.41 -15.89 15.52
C GLU B 306 -14.43 -15.47 16.59
N VAL B 307 -15.51 -16.23 16.75
CA VAL B 307 -16.44 -15.93 17.83
C VAL B 307 -15.97 -16.49 19.17
N ASP B 308 -15.10 -17.49 19.17
CA ASP B 308 -14.57 -18.09 20.40
C ASP B 308 -13.32 -17.31 20.81
N THR B 309 -13.56 -16.16 21.45
CA THR B 309 -12.46 -15.30 21.88
C THR B 309 -11.59 -15.99 22.92
N ASP B 310 -12.20 -16.79 23.80
CA ASP B 310 -11.47 -17.45 24.88
C ASP B 310 -10.53 -18.53 24.36
N GLN B 311 -10.79 -19.07 23.17
CA GLN B 311 -10.04 -20.20 22.63
C GLN B 311 -10.15 -21.41 23.56
N SER B 312 -11.33 -21.59 24.13
CA SER B 312 -11.59 -22.72 25.03
C SER B 312 -12.49 -23.77 24.42
N GLY B 313 -13.15 -23.48 23.29
CA GLY B 313 -14.05 -24.42 22.66
C GLY B 313 -15.47 -24.40 23.16
N VAL B 314 -15.76 -23.62 24.20
CA VAL B 314 -17.10 -23.49 24.76
C VAL B 314 -17.46 -22.03 24.85
N LEU B 315 -18.70 -21.71 24.50
CA LEU B 315 -19.16 -20.31 24.41
C LEU B 315 -19.96 -19.95 25.65
N SER B 316 -19.58 -18.85 26.28
CA SER B 316 -20.33 -18.30 27.41
C SER B 316 -21.42 -17.38 26.89
N ASP B 317 -22.07 -16.63 27.80
CA ASP B 317 -23.11 -15.72 27.37
C ASP B 317 -22.57 -14.61 26.47
N ARG B 318 -21.36 -14.13 26.75
CA ARG B 318 -20.77 -13.07 25.94
C ARG B 318 -20.55 -13.54 24.51
N GLU B 319 -20.00 -14.74 24.35
CA GLU B 319 -19.74 -15.26 23.00
C GLU B 319 -21.04 -15.58 22.27
N ILE B 320 -22.05 -16.07 23.00
CA ILE B 320 -23.35 -16.32 22.38
C ILE B 320 -23.95 -15.01 21.89
N ARG B 321 -23.83 -13.94 22.69
CA ARG B 321 -24.32 -12.64 22.25
C ARG B 321 -23.55 -12.15 21.03
N THR B 322 -22.24 -12.39 20.99
CA THR B 322 -21.45 -11.99 19.83
C THR B 322 -21.92 -12.71 18.58
N LEU B 323 -22.15 -14.02 18.67
CA LEU B 323 -22.66 -14.76 17.52
C LEU B 323 -24.04 -14.26 17.11
N ALA B 324 -24.91 -14.01 18.10
CA ALA B 324 -26.27 -13.55 17.79
C ALA B 324 -26.27 -12.20 17.09
N THR B 325 -25.45 -11.27 17.58
CA THR B 325 -25.39 -9.95 16.94
C THR B 325 -24.62 -9.97 15.63
N ARG B 326 -23.79 -10.99 15.41
CA ARG B 326 -23.16 -11.14 14.11
C ARG B 326 -24.15 -11.65 13.07
N ILE B 327 -24.99 -12.60 13.46
CA ILE B 327 -25.89 -13.22 12.50
C ILE B 327 -27.18 -12.42 12.30
N HIS B 328 -27.70 -11.81 13.35
CA HIS B 328 -28.95 -11.07 13.28
C HIS B 328 -28.68 -9.59 13.02
N GLU B 329 -29.75 -8.85 12.75
CA GLU B 329 -29.67 -7.43 12.45
C GLU B 329 -30.09 -6.60 13.66
N LEU B 330 -29.55 -5.38 13.73
CA LEU B 330 -29.91 -4.47 14.80
C LEU B 330 -31.33 -3.92 14.57
N PRO B 331 -32.03 -3.56 15.65
CA PRO B 331 -31.64 -3.64 17.06
C PRO B 331 -31.93 -5.02 17.66
N LEU B 332 -30.91 -5.73 18.15
CA LEU B 332 -31.13 -7.03 18.75
C LEU B 332 -31.85 -6.88 20.07
N SER B 333 -32.89 -7.68 20.28
CA SER B 333 -33.69 -7.65 21.49
C SER B 333 -33.61 -9.00 22.18
N LEU B 334 -34.24 -9.08 23.35
CA LEU B 334 -34.24 -10.32 24.11
C LEU B 334 -34.94 -11.46 23.39
N GLN B 335 -35.87 -11.15 22.48
CA GLN B 335 -36.61 -12.19 21.77
C GLN B 335 -35.68 -13.04 20.91
N ASP B 336 -34.74 -12.39 20.22
CA ASP B 336 -33.82 -13.14 19.35
C ASP B 336 -32.91 -14.06 20.17
N LEU B 337 -32.40 -13.57 21.29
CA LEU B 337 -31.57 -14.41 22.15
C LEU B 337 -32.37 -15.56 22.76
N THR B 338 -33.61 -15.29 23.15
CA THR B 338 -34.46 -16.35 23.69
C THR B 338 -34.73 -17.41 22.63
N GLY B 339 -34.97 -16.98 21.38
CA GLY B 339 -35.16 -17.94 20.31
C GLY B 339 -33.91 -18.74 20.00
N LEU B 340 -32.75 -18.08 20.08
CA LEU B 340 -31.49 -18.79 19.87
C LEU B 340 -31.26 -19.83 20.97
N GLU B 341 -31.57 -19.49 22.21
CA GLU B 341 -31.44 -20.46 23.30
C GLU B 341 -32.44 -21.60 23.16
N HIS B 342 -33.66 -21.29 22.69
CA HIS B 342 -34.62 -22.35 22.41
C HIS B 342 -34.10 -23.30 21.34
N MET B 343 -33.54 -22.75 20.25
CA MET B 343 -32.99 -23.59 19.19
C MET B 343 -31.82 -24.42 19.69
N LEU B 344 -30.96 -23.82 20.53
CA LEU B 344 -29.84 -24.54 21.12
C LEU B 344 -30.31 -25.72 21.97
N ILE B 345 -31.28 -25.48 22.85
CA ILE B 345 -31.72 -26.55 23.74
C ILE B 345 -32.46 -27.64 22.95
N ASN B 346 -33.23 -27.25 21.92
CA ASN B 346 -33.89 -28.25 21.10
C ASN B 346 -32.90 -29.11 20.34
N CYS B 347 -31.88 -28.48 19.74
CA CYS B 347 -30.87 -29.23 19.01
C CYS B 347 -30.03 -30.09 19.95
N SER B 348 -29.90 -29.69 21.21
CA SER B 348 -29.22 -30.54 22.18
C SER B 348 -30.07 -31.73 22.57
N LYS B 349 -31.37 -31.51 22.79
CA LYS B 349 -32.25 -32.58 23.24
C LYS B 349 -32.54 -33.58 22.14
N MET B 350 -32.51 -33.16 20.87
CA MET B 350 -32.80 -34.09 19.79
C MET B 350 -31.76 -35.20 19.67
N LEU B 351 -30.55 -34.98 20.17
CA LEU B 351 -29.51 -36.00 20.09
C LEU B 351 -29.63 -36.99 21.25
N PRO B 363 -12.39 -28.45 31.13
CA PRO B 363 -13.73 -27.86 31.16
C PRO B 363 -14.03 -27.10 32.45
N THR B 364 -13.36 -25.97 32.64
CA THR B 364 -13.56 -25.11 33.81
C THR B 364 -14.19 -23.79 33.36
N GLN B 365 -14.38 -22.90 34.33
CA GLN B 365 -15.01 -21.58 34.11
C GLN B 365 -16.36 -21.74 33.42
N GLU B 366 -17.24 -22.48 34.09
CA GLU B 366 -18.56 -22.79 33.57
C GLU B 366 -19.61 -21.92 34.27
N SER B 367 -20.37 -21.16 33.50
CA SER B 367 -21.46 -20.35 34.02
C SER B 367 -22.43 -20.06 32.90
N TYR B 368 -23.73 -20.13 33.20
CA TYR B 368 -24.77 -19.87 32.21
C TYR B 368 -25.97 -19.24 32.89
N TYR B 369 -26.70 -18.43 32.12
CA TYR B 369 -27.94 -17.84 32.62
C TYR B 369 -29.08 -18.85 32.65
N ASP B 370 -29.07 -19.82 31.75
CA ASP B 370 -30.11 -20.84 31.68
C ASP B 370 -29.49 -22.20 31.92
N PRO B 371 -29.97 -22.97 32.91
CA PRO B 371 -29.33 -24.26 33.23
C PRO B 371 -29.55 -25.34 32.19
N ASN B 372 -30.49 -25.15 31.25
CA ASN B 372 -30.77 -26.18 30.26
C ASN B 372 -29.68 -26.29 29.20
N LEU B 373 -28.72 -25.37 29.16
CA LEU B 373 -27.76 -25.32 28.08
C LEU B 373 -26.59 -26.26 28.34
N PRO B 374 -26.30 -27.20 27.45
CA PRO B 374 -25.07 -27.97 27.54
C PRO B 374 -23.90 -27.15 27.03
N PRO B 375 -22.66 -27.60 27.24
CA PRO B 375 -21.52 -26.87 26.68
C PRO B 375 -21.58 -26.82 25.17
N VAL B 376 -21.64 -25.60 24.63
CA VAL B 376 -21.78 -25.38 23.19
C VAL B 376 -20.39 -25.54 22.58
N THR B 377 -20.10 -26.72 22.04
CA THR B 377 -18.83 -27.00 21.41
C THR B 377 -18.97 -26.95 19.89
N LYS B 378 -17.89 -27.28 19.18
CA LYS B 378 -17.95 -27.32 17.73
C LYS B 378 -18.98 -28.32 17.23
N SER B 379 -19.13 -29.45 17.94
CA SER B 379 -20.08 -30.47 17.50
C SER B 379 -21.51 -29.96 17.53
N LEU B 380 -21.88 -29.21 18.57
CA LEU B 380 -23.27 -28.78 18.71
C LEU B 380 -23.63 -27.67 17.72
N VAL B 381 -22.66 -26.83 17.35
CA VAL B 381 -22.93 -25.71 16.46
C VAL B 381 -22.74 -26.09 14.99
N THR B 382 -21.90 -27.08 14.71
CA THR B 382 -21.63 -27.43 13.32
C THR B 382 -22.78 -28.22 12.69
N ASN B 383 -23.48 -29.04 13.46
CA ASN B 383 -24.47 -29.96 12.93
C ASN B 383 -25.89 -29.41 12.96
N CYS B 384 -26.11 -28.23 13.52
CA CYS B 384 -27.44 -27.65 13.62
C CYS B 384 -27.81 -27.06 12.27
N LYS B 385 -28.81 -27.65 11.60
CA LYS B 385 -29.13 -27.21 10.25
C LYS B 385 -29.69 -25.79 10.20
N PRO B 386 -30.76 -25.43 10.93
CA PRO B 386 -31.40 -24.13 10.69
C PRO B 386 -30.53 -22.95 11.06
N VAL B 387 -29.74 -23.03 12.13
CA VAL B 387 -28.89 -21.90 12.46
C VAL B 387 -27.69 -21.82 11.53
N THR B 388 -27.21 -22.95 11.01
CA THR B 388 -26.20 -22.89 9.97
C THR B 388 -26.75 -22.24 8.71
N ASP B 389 -28.01 -22.54 8.37
CA ASP B 389 -28.65 -21.87 7.25
C ASP B 389 -28.75 -20.37 7.47
N LYS B 390 -29.13 -19.96 8.69
CA LYS B 390 -29.21 -18.53 8.98
C LYS B 390 -27.83 -17.88 8.95
N ILE B 391 -26.80 -18.61 9.39
CA ILE B 391 -25.42 -18.11 9.33
C ILE B 391 -25.00 -17.89 7.87
N HIS B 392 -25.28 -18.86 7.01
CA HIS B 392 -24.95 -18.71 5.59
C HIS B 392 -25.71 -17.55 4.97
N LYS B 393 -26.99 -17.40 5.34
CA LYS B 393 -27.78 -16.30 4.83
C LYS B 393 -27.22 -14.94 5.28
N ALA B 394 -26.73 -14.87 6.52
CA ALA B 394 -26.16 -13.62 7.01
C ALA B 394 -24.83 -13.31 6.33
N TYR B 395 -23.85 -14.18 6.49
CA TYR B 395 -22.52 -14.00 5.90
C TYR B 395 -22.44 -14.82 4.61
N LYS B 396 -22.57 -14.14 3.48
CA LYS B 396 -22.56 -14.81 2.18
C LYS B 396 -21.14 -15.25 1.82
N ASP B 397 -21.00 -15.81 0.62
CA ASP B 397 -19.70 -16.19 0.11
C ASP B 397 -18.94 -14.96 -0.38
N LYS B 398 -17.71 -14.81 0.07
CA LYS B 398 -16.86 -13.67 -0.30
C LYS B 398 -15.77 -14.13 -1.25
N ASN B 399 -15.03 -13.16 -1.79
CA ASN B 399 -13.94 -13.47 -2.69
C ASN B 399 -12.81 -14.16 -1.92
N LYS B 400 -12.23 -15.18 -2.53
CA LYS B 400 -11.13 -15.90 -1.89
C LYS B 400 -9.83 -15.11 -1.99
N TYR B 401 -9.60 -14.43 -3.10
CA TYR B 401 -8.38 -13.67 -3.33
C TYR B 401 -8.66 -12.18 -3.20
N ARG B 402 -7.81 -11.48 -2.47
CA ARG B 402 -7.93 -10.04 -2.31
C ARG B 402 -7.51 -9.34 -3.59
N PHE B 403 -8.04 -8.13 -3.80
CA PHE B 403 -7.71 -7.36 -4.99
C PHE B 403 -7.96 -5.89 -4.73
N GLU B 404 -7.34 -5.05 -5.57
CA GLU B 404 -7.53 -3.61 -5.54
C GLU B 404 -7.66 -3.11 -6.97
N ILE B 405 -8.55 -2.14 -7.18
CA ILE B 405 -8.88 -1.66 -8.52
C ILE B 405 -8.59 -0.17 -8.59
N MET B 406 -8.06 0.27 -9.74
CA MET B 406 -7.81 1.68 -10.00
C MET B 406 -7.85 1.91 -11.50
N GLY B 407 -7.71 3.18 -11.91
CA GLY B 407 -7.95 3.55 -13.29
C GLY B 407 -6.75 3.91 -14.14
N GLU B 408 -6.79 5.10 -14.75
CA GLU B 408 -5.81 5.54 -15.74
C GLU B 408 -4.87 6.60 -15.17
N GLU B 409 -4.57 6.53 -13.87
CA GLU B 409 -3.76 7.59 -13.25
C GLU B 409 -2.34 7.58 -13.77
N GLU B 410 -1.71 6.41 -13.88
CA GLU B 410 -0.28 6.31 -14.19
C GLU B 410 -0.01 5.24 -15.23
N ILE B 411 -0.76 5.25 -16.33
CA ILE B 411 -0.52 4.34 -17.46
C ILE B 411 -0.44 5.17 -18.73
N ALA B 412 0.57 4.90 -19.54
CA ALA B 412 0.79 5.62 -20.79
C ALA B 412 0.45 4.71 -21.96
N PHE B 413 -0.42 5.19 -22.84
CA PHE B 413 -0.89 4.43 -23.99
C PHE B 413 -0.83 5.31 -25.23
N LYS B 414 0.12 5.04 -26.11
CA LYS B 414 0.37 5.88 -27.27
C LYS B 414 0.29 5.05 -28.56
N MET B 415 -0.18 5.69 -29.62
CA MET B 415 -0.32 5.07 -30.93
C MET B 415 0.41 5.92 -31.97
N ILE B 416 0.96 5.27 -32.98
CA ILE B 416 1.67 5.95 -34.07
C ILE B 416 0.79 5.88 -35.31
N ARG B 417 0.41 7.05 -35.82
CA ARG B 417 -0.42 7.13 -37.01
C ARG B 417 0.32 7.75 -38.20
N THR B 418 1.66 7.77 -38.15
CA THR B 418 2.55 8.27 -39.20
C THR B 418 2.42 9.77 -39.39
N ASN B 419 1.47 10.40 -38.69
CA ASN B 419 1.40 11.86 -38.63
C ASN B 419 2.49 12.33 -37.68
N VAL B 420 3.57 12.87 -38.25
CA VAL B 420 4.82 13.01 -37.50
C VAL B 420 4.66 13.99 -36.33
N SER B 421 3.89 15.06 -36.52
CA SER B 421 3.77 16.04 -35.45
C SER B 421 3.07 15.47 -34.23
N HIS B 422 2.13 14.55 -34.41
CA HIS B 422 1.41 13.97 -33.28
C HIS B 422 2.19 12.87 -32.57
N VAL B 423 2.98 12.07 -33.28
CA VAL B 423 3.86 11.13 -32.58
C VAL B 423 4.95 11.89 -31.84
N VAL B 424 5.46 12.97 -32.43
CA VAL B 424 6.43 13.82 -31.73
C VAL B 424 5.79 14.43 -30.48
N GLY B 425 4.54 14.86 -30.60
CA GLY B 425 3.84 15.38 -29.42
C GLY B 425 3.64 14.33 -28.36
N GLN B 426 3.31 13.10 -28.76
CA GLN B 426 3.14 12.02 -27.80
C GLN B 426 4.43 11.73 -27.05
N LEU B 427 5.54 11.62 -27.78
CA LEU B 427 6.80 11.34 -27.11
C LEU B 427 7.27 12.53 -26.26
N ASP B 428 6.99 13.75 -26.71
CA ASP B 428 7.31 14.92 -25.90
C ASP B 428 6.51 14.94 -24.62
N ASP B 429 5.24 14.52 -24.67
CA ASP B 429 4.44 14.45 -23.46
C ASP B 429 4.92 13.34 -22.54
N ILE B 430 5.37 12.22 -23.11
CA ILE B 430 5.97 11.16 -22.28
C ILE B 430 7.21 11.69 -21.58
N ARG B 431 8.06 12.42 -22.30
CA ARG B 431 9.25 13.00 -21.70
C ARG B 431 8.89 13.99 -20.61
N LYS B 432 7.88 14.83 -20.86
CA LYS B 432 7.49 15.87 -19.91
C LYS B 432 7.01 15.28 -18.60
N ASN B 433 6.13 14.27 -18.68
CA ASN B 433 5.51 13.66 -17.49
C ASN B 433 5.81 12.17 -17.51
N PRO B 434 6.92 11.74 -16.90
CA PRO B 434 7.24 10.32 -16.88
C PRO B 434 6.17 9.54 -16.13
N ARG B 435 5.89 8.33 -16.64
CA ARG B 435 4.87 7.47 -16.05
C ARG B 435 5.46 6.08 -15.85
N LYS B 436 4.85 5.34 -14.91
CA LYS B 436 5.44 4.07 -14.48
C LYS B 436 5.51 3.07 -15.61
N PHE B 437 4.44 2.95 -16.40
CA PHE B 437 4.38 2.01 -17.51
C PHE B 437 4.12 2.77 -18.81
N VAL B 438 4.86 2.42 -19.86
CA VAL B 438 4.67 3.02 -21.17
C VAL B 438 4.34 1.92 -22.17
N CYS B 439 3.36 2.19 -23.03
CA CYS B 439 2.94 1.25 -24.06
C CYS B 439 2.95 1.97 -25.40
N LEU B 440 3.88 1.61 -26.27
CA LEU B 440 4.03 2.23 -27.58
C LEU B 440 3.62 1.23 -28.65
N ASN B 441 2.43 1.40 -29.20
CA ASN B 441 1.94 0.53 -30.27
C ASN B 441 2.49 0.99 -31.61
N ASP B 442 3.20 0.11 -32.31
CA ASP B 442 3.73 0.40 -33.63
C ASP B 442 2.85 -0.31 -34.67
N ASN B 443 2.18 0.48 -35.50
CA ASN B 443 1.42 -0.04 -36.63
C ASN B 443 1.68 0.82 -37.85
N ILE B 444 2.93 1.24 -38.04
CA ILE B 444 3.27 2.12 -39.15
C ILE B 444 2.99 1.41 -40.47
N ASP B 445 2.38 2.13 -41.40
CA ASP B 445 1.98 1.52 -42.67
C ASP B 445 3.18 1.05 -43.48
N HIS B 446 4.36 1.63 -43.24
CA HIS B 446 5.63 1.33 -43.88
C HIS B 446 5.66 1.69 -45.35
N ASN B 447 4.56 2.19 -45.91
CA ASN B 447 4.54 2.72 -47.27
C ASN B 447 4.65 4.23 -47.32
N HIS B 448 4.32 4.92 -46.22
CA HIS B 448 4.54 6.35 -46.13
C HIS B 448 6.02 6.66 -46.16
N LYS B 449 6.39 7.74 -46.86
CA LYS B 449 7.80 8.10 -46.97
C LYS B 449 8.40 8.51 -45.64
N ASP B 450 7.56 8.83 -44.65
CA ASP B 450 8.03 9.22 -43.33
C ASP B 450 8.15 8.05 -42.37
N ALA B 451 8.02 6.81 -42.87
CA ALA B 451 8.19 5.65 -42.01
C ALA B 451 9.59 5.60 -41.41
N GLN B 452 10.62 5.89 -42.22
CA GLN B 452 11.97 5.96 -41.70
C GLN B 452 12.12 7.11 -40.71
N THR B 453 11.40 8.22 -40.93
CA THR B 453 11.46 9.33 -39.99
C THR B 453 10.86 8.93 -38.64
N VAL B 454 9.74 8.23 -38.64
CA VAL B 454 9.15 7.76 -37.38
C VAL B 454 10.07 6.75 -36.71
N LYS B 455 10.69 5.86 -37.51
CA LYS B 455 11.65 4.91 -36.95
C LYS B 455 12.81 5.64 -36.28
N ALA B 456 13.35 6.67 -36.93
CA ALA B 456 14.44 7.43 -36.35
C ALA B 456 14.00 8.16 -35.08
N VAL B 457 12.79 8.71 -35.08
CA VAL B 457 12.29 9.41 -33.90
C VAL B 457 12.15 8.45 -32.73
N LEU B 458 11.60 7.27 -32.97
CA LEU B 458 11.44 6.29 -31.90
C LEU B 458 12.80 5.78 -31.42
N ARG B 459 13.75 5.58 -32.32
CA ARG B 459 15.10 5.22 -31.91
C ARG B 459 15.72 6.32 -31.06
N ASP B 460 15.51 7.58 -31.43
CA ASP B 460 16.03 8.70 -30.64
C ASP B 460 15.41 8.72 -29.25
N PHE B 461 14.09 8.52 -29.16
CA PHE B 461 13.45 8.47 -27.85
C PHE B 461 13.99 7.32 -27.00
N TYR B 462 14.09 6.13 -27.58
CA TYR B 462 14.58 4.98 -26.84
C TYR B 462 16.01 5.18 -26.36
N GLU B 463 16.88 5.70 -27.22
CA GLU B 463 18.26 5.91 -26.82
C GLU B 463 18.38 7.00 -25.77
N SER B 464 17.59 8.07 -25.89
CA SER B 464 17.61 9.14 -24.90
C SER B 464 17.14 8.64 -23.55
N MET B 465 16.10 7.81 -23.52
CA MET B 465 15.58 7.34 -22.24
C MET B 465 16.52 6.34 -21.58
N PHE B 466 17.23 5.53 -22.36
CA PHE B 466 18.17 4.54 -21.80
C PHE B 466 19.37 4.44 -22.72
N PRO B 467 20.36 5.32 -22.54
CA PRO B 467 21.54 5.27 -23.41
C PRO B 467 22.58 4.26 -22.94
N ILE B 468 22.59 3.96 -21.65
CA ILE B 468 23.62 3.08 -21.09
C ILE B 468 23.38 1.65 -21.56
N PRO B 469 24.37 0.97 -22.14
CA PRO B 469 24.20 -0.45 -22.48
C PRO B 469 23.93 -1.27 -21.24
N SER B 470 23.11 -2.31 -21.40
CA SER B 470 22.66 -3.12 -20.29
C SER B 470 23.60 -4.31 -20.06
N GLN B 471 23.43 -4.96 -18.90
CA GLN B 471 24.22 -6.12 -18.56
C GLN B 471 23.94 -7.32 -19.46
N PHE B 472 22.81 -7.33 -20.15
CA PHE B 472 22.38 -8.45 -20.97
C PHE B 472 22.82 -8.33 -22.42
N GLU B 473 23.62 -7.31 -22.75
CA GLU B 473 24.02 -7.04 -24.13
C GLU B 473 25.52 -7.14 -24.29
N LEU B 474 25.95 -7.50 -25.50
CA LEU B 474 27.35 -7.45 -25.89
C LEU B 474 27.61 -6.15 -26.63
N PRO B 475 28.40 -5.22 -26.09
CA PRO B 475 28.69 -4.00 -26.84
C PRO B 475 29.60 -4.28 -28.02
N ARG B 476 29.01 -4.28 -29.22
CA ARG B 476 29.71 -4.67 -30.44
C ARG B 476 29.32 -3.71 -31.56
N GLU B 477 30.23 -3.53 -32.51
CA GLU B 477 30.03 -2.63 -33.66
C GLU B 477 29.54 -1.26 -33.19
N TYR B 478 30.41 -0.61 -32.42
CA TYR B 478 30.08 0.69 -31.85
C TYR B 478 29.72 1.69 -32.93
N ARG B 479 28.66 2.47 -32.67
CA ARG B 479 28.18 3.49 -33.59
C ARG B 479 27.82 2.90 -34.96
#